data_4JF1
#
_entry.id   4JF1
#
_cell.length_a   97.080
_cell.length_b   112.000
_cell.length_c   65.320
_cell.angle_alpha   90.00
_cell.angle_beta   90.00
_cell.angle_gamma   90.00
#
_symmetry.space_group_name_H-M   'P 21 21 2'
#
loop_
_entity.id
_entity.type
_entity.pdbx_description
1 polymer 'Acetylornithine/succinyldiaminopimelate aminotransferase'
2 non-polymer "PYRIDOXAL-5'-PHOSPHATE"
3 non-polymer 1,2-ETHANEDIOL
4 non-polymer 'ACETATE ION'
5 water water
#
_entity_poly.entity_id   1
_entity_poly.type   'polypeptide(L)'
_entity_poly.pdbx_seq_one_letter_code
;MRGSHHHHHHGMASHMATEQTAITRATFDEVILPVYAPADFIPVKGKGSRVWDQQGKEYIDFAGGIAVTALGHCHPALVE
ALKSQGETLWHTSNVFTNEPALRLGRKLIDATFAERVLFMNSGTEANETAFKLARHYACVRHSPFKTKIIAFHNAFHGQS
LFTVSVGGQPKYSDGFGPKPADIIHVPFNDLHAVKAVMDDHTCAVVVEPIQGEGGVQAATPEFLKGLRDLCDEHQALLVF
DEVQCGMGRTGDLFAYMHYGVTPDILTSAKALGGGFPVSAMLTTQEIASAFHVGSHGSTYGGNPLACAVAGATFDIINTP
EVLQGIHTKRQQFVQHLQAIDEQFDIFSDIRGMGLLIGAELKPKYKGRARDFLYAGAEAGVMVLNAGADVMRFAPSLVVE
EADIHEGMQRFAQAVGKVVALE
;
_entity_poly.pdbx_strand_id   A,B
#
loop_
_chem_comp.id
_chem_comp.type
_chem_comp.name
_chem_comp.formula
ACT non-polymer 'ACETATE ION' 'C2 H3 O2 -1'
EDO non-polymer 1,2-ETHANEDIOL 'C2 H6 O2'
PLP non-polymer PYRIDOXAL-5'-PHOSPHATE 'C8 H10 N O6 P'
#
# COMPACT_ATOMS: atom_id res chain seq x y z
N THR A 27 -19.59 -0.13 -16.23
CA THR A 27 -18.17 0.10 -16.60
C THR A 27 -17.23 -0.64 -15.65
N PHE A 28 -17.64 -0.77 -14.39
CA PHE A 28 -16.80 -1.47 -13.42
C PHE A 28 -16.46 -2.88 -13.90
N ASP A 29 -17.48 -3.63 -14.33
CA ASP A 29 -17.27 -5.01 -14.75
C ASP A 29 -16.34 -5.10 -15.96
N GLU A 30 -16.35 -4.05 -16.78
CA GLU A 30 -15.56 -4.03 -18.00
C GLU A 30 -14.11 -3.65 -17.74
N VAL A 31 -13.84 -3.13 -16.54
CA VAL A 31 -12.55 -2.50 -16.27
C VAL A 31 -11.74 -3.12 -15.12
N ILE A 32 -12.40 -3.45 -14.02
CA ILE A 32 -11.68 -3.90 -12.83
C ILE A 32 -11.74 -5.41 -12.63
N LEU A 33 -10.70 -6.00 -12.03
CA LEU A 33 -10.76 -7.41 -11.63
C LEU A 33 -12.02 -7.66 -10.82
N PRO A 34 -12.64 -8.84 -10.99
CA PRO A 34 -13.91 -9.14 -10.33
C PRO A 34 -13.78 -9.52 -8.85
N VAL A 35 -13.06 -8.72 -8.09
CA VAL A 35 -12.86 -9.00 -6.66
C VAL A 35 -13.78 -8.17 -5.78
N TYR A 36 -14.47 -7.22 -6.39
CA TYR A 36 -15.43 -6.38 -5.69
C TYR A 36 -16.80 -6.51 -6.34
N ALA A 37 -17.85 -6.30 -5.55
CA ALA A 37 -19.20 -6.18 -6.08
C ALA A 37 -19.75 -4.83 -5.64
N PRO A 38 -19.32 -3.75 -6.31
CA PRO A 38 -19.62 -2.39 -5.86
C PRO A 38 -21.09 -2.05 -5.85
N ALA A 39 -21.50 -1.25 -4.88
CA ALA A 39 -22.83 -0.67 -4.85
C ALA A 39 -23.24 -0.41 -6.28
N ASP A 40 -24.53 -0.25 -6.51
CA ASP A 40 -24.97 0.05 -7.86
C ASP A 40 -24.95 1.55 -8.17
N PHE A 41 -24.43 2.35 -7.24
CA PHE A 41 -24.24 3.80 -7.48
C PHE A 41 -22.76 4.18 -7.38
N ILE A 42 -22.42 5.31 -8.00
CA ILE A 42 -21.05 5.80 -8.06
C ILE A 42 -20.93 7.16 -7.38
N PRO A 43 -20.31 7.18 -6.18
CA PRO A 43 -20.10 8.44 -5.47
C PRO A 43 -19.18 9.33 -6.27
N VAL A 44 -19.54 10.60 -6.43
CA VAL A 44 -18.70 11.54 -7.18
C VAL A 44 -18.18 12.70 -6.33
N LYS A 45 -18.86 12.99 -5.23
CA LYS A 45 -18.51 14.14 -4.41
C LYS A 45 -18.89 13.84 -2.99
N GLY A 46 -18.09 14.33 -2.04
CA GLY A 46 -18.42 14.17 -0.62
C GLY A 46 -18.06 15.44 0.10
N LYS A 47 -18.86 15.80 1.10
CA LYS A 47 -18.53 16.89 2.00
C LYS A 47 -19.07 16.52 3.36
N GLY A 48 -18.17 16.49 4.36
CA GLY A 48 -18.56 16.05 5.69
C GLY A 48 -19.05 14.61 5.63
N SER A 49 -20.26 14.37 6.13
CA SER A 49 -20.84 13.02 6.13
C SER A 49 -21.93 12.87 5.08
N ARG A 50 -21.93 13.73 4.06
CA ARG A 50 -22.86 13.56 2.95
C ARG A 50 -22.08 13.33 1.65
N VAL A 51 -22.65 12.49 0.79
CA VAL A 51 -22.02 12.03 -0.44
C VAL A 51 -23.08 12.10 -1.54
N TRP A 52 -22.65 12.48 -2.75
CA TRP A 52 -23.54 12.56 -3.92
C TRP A 52 -23.09 11.61 -4.97
N ASP A 53 -24.04 10.95 -5.61
CA ASP A 53 -23.70 10.08 -6.73
C ASP A 53 -23.86 10.82 -8.07
N GLN A 54 -23.72 10.08 -9.16
CA GLN A 54 -23.74 10.71 -10.50
C GLN A 54 -25.08 11.34 -10.87
N GLN A 55 -26.15 10.85 -10.25
CA GLN A 55 -27.50 11.36 -10.48
C GLN A 55 -27.86 12.48 -9.49
N GLY A 56 -26.89 12.85 -8.65
CA GLY A 56 -27.10 13.92 -7.68
C GLY A 56 -27.88 13.48 -6.45
N LYS A 57 -28.10 12.17 -6.33
CA LYS A 57 -28.71 11.61 -5.12
C LYS A 57 -27.76 11.79 -3.93
N GLU A 58 -28.33 12.22 -2.81
CA GLU A 58 -27.57 12.56 -1.61
C GLU A 58 -27.67 11.44 -0.59
N TYR A 59 -26.53 11.01 -0.06
CA TYR A 59 -26.47 9.94 0.93
C TYR A 59 -25.84 10.43 2.21
N ILE A 60 -26.28 9.87 3.34
CA ILE A 60 -25.61 10.04 4.62
C ILE A 60 -24.61 8.90 4.78
N ASP A 61 -23.37 9.25 5.07
CA ASP A 61 -22.29 8.28 5.13
C ASP A 61 -22.03 7.80 6.57
N PHE A 62 -22.51 6.60 6.90
CA PHE A 62 -22.19 5.99 8.19
C PHE A 62 -21.15 4.88 8.06
N ALA A 63 -20.51 4.83 6.90
CA ALA A 63 -19.55 3.77 6.58
C ALA A 63 -18.12 4.27 6.58
N GLY A 64 -17.92 5.53 6.16
CA GLY A 64 -16.59 6.12 6.18
C GLY A 64 -15.57 5.42 5.29
N GLY A 65 -16.03 4.78 4.23
CA GLY A 65 -15.12 4.03 3.37
C GLY A 65 -14.46 2.88 4.12
N ILE A 66 -15.22 2.32 5.05
CA ILE A 66 -14.76 1.27 6.00
C ILE A 66 -13.83 1.88 7.06
N ALA A 67 -14.37 2.86 7.79
CA ALA A 67 -13.69 3.45 8.96
C ALA A 67 -12.43 4.24 8.60
N VAL A 68 -12.38 4.74 7.38
CA VAL A 68 -11.23 5.50 6.86
C VAL A 68 -11.43 7.02 6.99
N THR A 69 -12.54 7.54 6.49
CA THR A 69 -12.73 8.98 6.47
C THR A 69 -13.24 9.44 7.84
N ALA A 70 -12.31 9.39 8.80
CA ALA A 70 -12.61 9.66 10.19
C ALA A 70 -12.95 11.10 10.48
N LEU A 71 -12.65 11.99 9.53
CA LEU A 71 -13.04 13.40 9.64
C LEU A 71 -13.98 13.79 8.51
N GLY A 72 -14.61 12.81 7.89
CA GLY A 72 -15.54 13.08 6.80
C GLY A 72 -14.82 13.39 5.50
N HIS A 73 -15.61 13.76 4.52
CA HIS A 73 -15.10 14.04 3.18
C HIS A 73 -14.67 15.48 3.02
N CYS A 74 -13.50 15.67 2.44
CA CYS A 74 -12.99 17.00 2.10
C CYS A 74 -13.05 17.95 3.30
N HIS A 75 -12.57 17.47 4.44
CA HIS A 75 -12.47 18.31 5.62
C HIS A 75 -11.55 19.47 5.34
N PRO A 76 -11.98 20.71 5.65
CA PRO A 76 -11.16 21.86 5.23
C PRO A 76 -9.72 21.84 5.75
N ALA A 77 -9.47 21.31 6.94
CA ALA A 77 -8.12 21.29 7.46
C ALA A 77 -7.24 20.29 6.70
N LEU A 78 -7.84 19.17 6.30
CA LEU A 78 -7.13 18.15 5.53
C LEU A 78 -6.90 18.61 4.10
N VAL A 79 -7.89 19.27 3.50
CA VAL A 79 -7.72 19.83 2.17
C VAL A 79 -6.61 20.90 2.19
N GLU A 80 -6.59 21.75 3.22
CA GLU A 80 -5.54 22.75 3.33
C GLU A 80 -4.16 22.12 3.44
N ALA A 81 -4.02 21.05 4.24
CA ALA A 81 -2.72 20.38 4.38
C ALA A 81 -2.30 19.74 3.07
N LEU A 82 -3.25 19.12 2.38
CA LEU A 82 -3.01 18.53 1.08
C LEU A 82 -2.50 19.55 0.07
N LYS A 83 -3.18 20.69 0.00
CA LYS A 83 -2.81 21.70 -0.97
C LYS A 83 -1.49 22.36 -0.62
N SER A 84 -1.26 22.64 0.66
CA SER A 84 -0.03 23.32 1.08
CA SER A 84 -0.03 23.34 1.03
C SER A 84 1.21 22.45 0.84
N GLN A 85 1.16 21.21 1.32
CA GLN A 85 2.26 20.29 1.07
C GLN A 85 2.32 19.92 -0.41
N GLY A 86 1.17 19.87 -1.07
CA GLY A 86 1.11 19.54 -2.50
C GLY A 86 1.79 20.54 -3.41
N GLU A 87 2.01 21.77 -2.93
CA GLU A 87 2.74 22.73 -3.74
C GLU A 87 4.19 22.88 -3.28
N THR A 88 4.59 22.04 -2.31
CA THR A 88 5.91 22.14 -1.71
C THR A 88 6.80 20.93 -2.04
N LEU A 89 6.35 19.74 -1.70
CA LEU A 89 7.13 18.50 -1.88
C LEU A 89 6.21 17.33 -1.61
N TRP A 90 6.08 16.44 -2.59
CA TRP A 90 5.25 15.25 -2.40
C TRP A 90 5.99 14.05 -1.92
N HIS A 91 7.20 13.86 -2.44
CA HIS A 91 7.82 12.56 -2.35
C HIS A 91 9.24 12.66 -1.96
N THR A 92 9.61 11.80 -1.02
CA THR A 92 11.00 11.43 -0.77
C THR A 92 11.07 9.92 -0.72
N SER A 93 12.22 9.38 -1.12
CA SER A 93 12.47 7.96 -0.90
C SER A 93 12.84 7.73 0.57
N ASN A 94 12.94 6.46 0.95
CA ASN A 94 13.27 6.10 2.34
C ASN A 94 14.73 6.34 2.72
N VAL A 95 15.54 6.78 1.76
CA VAL A 95 16.89 7.28 2.04
C VAL A 95 16.80 8.52 2.93
N PHE A 96 15.72 9.27 2.76
CA PHE A 96 15.53 10.55 3.43
C PHE A 96 14.38 10.51 4.42
N THR A 97 14.43 11.44 5.37
CA THR A 97 13.23 11.82 6.09
C THR A 97 12.74 13.13 5.47
N ASN A 98 11.70 13.67 6.03
CA ASN A 98 11.15 14.92 5.56
C ASN A 98 10.42 15.54 6.73
N GLU A 99 10.14 16.83 6.65
CA GLU A 99 9.56 17.51 7.80
C GLU A 99 8.18 16.99 8.21
N PRO A 100 7.28 16.74 7.24
CA PRO A 100 6.00 16.18 7.67
C PRO A 100 6.14 14.84 8.40
N ALA A 101 7.00 13.93 7.93
CA ALA A 101 7.20 12.64 8.60
C ALA A 101 7.80 12.83 9.99
N LEU A 102 8.77 13.72 10.13
CA LEU A 102 9.35 14.02 11.45
C LEU A 102 8.31 14.56 12.41
N ARG A 103 7.50 15.49 11.93
CA ARG A 103 6.49 16.07 12.79
CA ARG A 103 6.43 16.10 12.74
C ARG A 103 5.44 15.04 13.21
N LEU A 104 5.01 14.20 12.28
CA LEU A 104 4.01 13.17 12.60
C LEU A 104 4.59 12.12 13.55
N GLY A 105 5.84 11.71 13.32
CA GLY A 105 6.50 10.78 14.21
C GLY A 105 6.56 11.31 15.62
N ARG A 106 6.90 12.59 15.76
CA ARG A 106 6.99 13.23 17.08
C ARG A 106 5.64 13.23 17.77
N LYS A 107 4.59 13.55 17.02
CA LYS A 107 3.24 13.57 17.57
C LYS A 107 2.85 12.20 18.09
N LEU A 108 3.13 11.16 17.31
CA LEU A 108 2.80 9.80 17.72
C LEU A 108 3.62 9.33 18.92
N ILE A 109 4.90 9.67 18.94
CA ILE A 109 5.78 9.30 20.05
C ILE A 109 5.33 10.01 21.32
N ASP A 110 5.00 11.29 21.23
CA ASP A 110 4.57 12.04 22.41
C ASP A 110 3.26 11.52 23.00
N ALA A 111 2.36 11.04 22.14
CA ALA A 111 1.01 10.66 22.54
C ALA A 111 0.85 9.19 22.92
N THR A 112 1.86 8.37 22.67
CA THR A 112 1.71 6.92 22.83
C THR A 112 2.93 6.32 23.51
N PHE A 113 2.94 5.00 23.63
CA PHE A 113 4.09 4.27 24.17
C PHE A 113 5.25 4.28 23.18
N ALA A 114 5.00 4.61 21.90
CA ALA A 114 6.02 4.45 20.87
C ALA A 114 7.25 5.29 21.13
N GLU A 115 8.41 4.74 20.78
CA GLU A 115 9.66 5.50 20.74
C GLU A 115 10.18 5.61 19.32
N ARG A 116 9.68 4.75 18.44
CA ARG A 116 10.09 4.71 17.04
C ARG A 116 8.86 4.47 16.18
N VAL A 117 8.85 5.10 15.00
CA VAL A 117 7.71 5.00 14.08
C VAL A 117 8.23 4.74 12.67
N LEU A 118 7.66 3.74 12.01
CA LEU A 118 7.93 3.47 10.60
C LEU A 118 6.64 3.71 9.81
N PHE A 119 6.73 4.52 8.77
CA PHE A 119 5.56 4.84 7.94
C PHE A 119 5.52 4.02 6.65
N MET A 120 4.32 3.61 6.28
CA MET A 120 4.08 2.87 5.04
C MET A 120 2.85 3.47 4.36
N ASN A 121 2.27 2.78 3.38
CA ASN A 121 1.10 3.32 2.67
C ASN A 121 -0.20 2.75 3.18
N SER A 122 -0.23 1.45 3.44
CA SER A 122 -1.47 0.76 3.75
C SER A 122 -1.39 0.01 5.07
N GLY A 123 -2.54 -0.36 5.61
CA GLY A 123 -2.57 -1.17 6.82
C GLY A 123 -1.91 -2.52 6.60
N THR A 124 -2.11 -3.11 5.43
CA THR A 124 -1.47 -4.37 5.10
C THR A 124 0.04 -4.22 5.17
N GLU A 125 0.58 -3.15 4.59
CA GLU A 125 2.02 -2.95 4.67
C GLU A 125 2.53 -2.72 6.09
N ALA A 126 1.78 -1.98 6.91
CA ALA A 126 2.15 -1.76 8.31
C ALA A 126 2.18 -3.10 9.06
N ASN A 127 1.18 -3.93 8.82
CA ASN A 127 1.15 -5.26 9.43
C ASN A 127 2.27 -6.16 8.92
N GLU A 128 2.56 -6.12 7.63
CA GLU A 128 3.73 -6.85 7.11
C GLU A 128 4.98 -6.46 7.89
N THR A 129 5.18 -5.15 8.06
CA THR A 129 6.34 -4.64 8.77
C THR A 129 6.35 -5.12 10.23
N ALA A 130 5.20 -5.05 10.89
CA ALA A 130 5.08 -5.49 12.28
C ALA A 130 5.39 -6.97 12.44
N PHE A 131 4.86 -7.79 11.54
CA PHE A 131 5.01 -9.24 11.66
C PHE A 131 6.45 -9.64 11.32
N LYS A 132 7.01 -9.02 10.28
CA LYS A 132 8.42 -9.24 9.96
C LYS A 132 9.31 -8.79 11.10
N LEU A 133 8.99 -7.65 11.72
CA LEU A 133 9.80 -7.17 12.84
C LEU A 133 9.73 -8.11 14.03
N ALA A 134 8.55 -8.57 14.41
CA ALA A 134 8.43 -9.52 15.53
C ALA A 134 9.23 -10.79 15.23
N ARG A 135 9.15 -11.28 13.99
CA ARG A 135 9.91 -12.45 13.60
C ARG A 135 11.41 -12.18 13.69
N HIS A 136 11.85 -11.05 13.15
CA HIS A 136 13.27 -10.76 13.09
C HIS A 136 13.86 -10.50 14.44
N TYR A 137 13.12 -9.77 15.28
CA TYR A 137 13.52 -9.53 16.66
C TYR A 137 13.74 -10.87 17.37
N ALA A 138 12.79 -11.80 17.26
CA ALA A 138 12.99 -13.10 17.87
C ALA A 138 14.21 -13.83 17.33
N CYS A 139 14.40 -13.77 16.01
CA CYS A 139 15.49 -14.46 15.36
C CYS A 139 16.84 -13.99 15.89
N VAL A 140 17.02 -12.67 15.97
CA VAL A 140 18.33 -12.14 16.34
C VAL A 140 18.55 -11.98 17.84
N ARG A 141 17.47 -11.84 18.61
CA ARG A 141 17.59 -11.63 20.06
C ARG A 141 17.41 -12.91 20.85
N HIS A 142 16.85 -13.96 20.23
CA HIS A 142 16.58 -15.20 20.96
C HIS A 142 17.07 -16.42 20.23
N SER A 143 16.47 -16.73 19.10
CA SER A 143 16.79 -17.94 18.36
C SER A 143 16.14 -17.91 16.99
N PRO A 144 16.84 -18.43 15.95
CA PRO A 144 16.17 -18.53 14.65
C PRO A 144 14.98 -19.49 14.66
N PHE A 145 14.86 -20.31 15.70
CA PHE A 145 13.76 -21.28 15.81
C PHE A 145 12.53 -20.72 16.50
N LYS A 146 12.64 -19.50 17.02
CA LYS A 146 11.54 -18.87 17.75
C LYS A 146 10.63 -18.16 16.73
N THR A 147 9.73 -18.91 16.13
CA THR A 147 8.98 -18.45 14.96
C THR A 147 7.47 -18.51 15.09
N LYS A 148 6.90 -19.13 16.12
CA LYS A 148 5.44 -19.31 16.09
C LYS A 148 4.75 -17.96 16.30
N ILE A 149 3.72 -17.72 15.51
CA ILE A 149 2.84 -16.55 15.66
C ILE A 149 1.47 -17.06 16.05
N ILE A 150 0.95 -16.54 17.16
CA ILE A 150 -0.41 -16.88 17.55
C ILE A 150 -1.34 -15.77 17.09
N ALA A 151 -2.40 -16.15 16.39
CA ALA A 151 -3.42 -15.23 15.93
C ALA A 151 -4.80 -15.84 16.16
N PHE A 152 -5.84 -15.13 15.75
CA PHE A 152 -7.18 -15.48 16.18
C PHE A 152 -8.15 -15.76 15.06
N HIS A 153 -9.02 -16.75 15.26
CA HIS A 153 -10.09 -16.98 14.30
C HIS A 153 -10.84 -15.70 14.08
N ASN A 154 -11.23 -15.46 12.82
CA ASN A 154 -11.97 -14.26 12.39
C ASN A 154 -11.14 -12.98 12.32
N ALA A 155 -9.85 -13.07 12.61
CA ALA A 155 -8.96 -11.90 12.50
C ALA A 155 -8.86 -11.46 11.06
N PHE A 156 -8.75 -10.14 10.86
CA PHE A 156 -8.43 -9.61 9.55
C PHE A 156 -7.22 -8.71 9.69
N HIS A 157 -6.17 -8.99 8.91
CA HIS A 157 -4.92 -8.22 8.97
C HIS A 157 -4.44 -7.74 7.63
N GLY A 158 -5.22 -7.96 6.59
CA GLY A 158 -4.82 -7.57 5.23
C GLY A 158 -4.88 -8.73 4.26
N GLN A 159 -4.56 -8.45 3.01
CA GLN A 159 -4.69 -9.48 1.97
C GLN A 159 -3.39 -9.83 1.26
N SER A 160 -2.26 -9.39 1.79
CA SER A 160 -0.99 -9.95 1.30
C SER A 160 -0.92 -11.41 1.73
N LEU A 161 -0.05 -12.20 1.11
CA LEU A 161 -0.01 -13.60 1.44
C LEU A 161 0.28 -13.81 2.93
N PHE A 162 1.26 -13.08 3.47
CA PHE A 162 1.60 -13.25 4.87
C PHE A 162 0.50 -12.74 5.78
N THR A 163 -0.03 -11.54 5.50
CA THR A 163 -1.03 -10.98 6.40
C THR A 163 -2.34 -11.75 6.37
N VAL A 164 -2.73 -12.30 5.21
CA VAL A 164 -3.97 -13.07 5.12
C VAL A 164 -3.80 -14.43 5.81
N SER A 165 -2.56 -14.92 5.88
CA SER A 165 -2.29 -16.18 6.57
C SER A 165 -2.28 -15.96 8.09
N VAL A 166 -1.87 -14.78 8.54
CA VAL A 166 -2.03 -14.40 9.94
C VAL A 166 -3.50 -14.14 10.25
N GLY A 167 -4.21 -13.56 9.28
CA GLY A 167 -5.68 -13.45 9.38
C GLY A 167 -6.33 -14.80 9.63
N GLY A 168 -7.54 -14.76 10.19
CA GLY A 168 -8.19 -15.95 10.73
C GLY A 168 -9.39 -16.44 9.96
N GLN A 169 -9.37 -16.22 8.64
CA GLN A 169 -10.43 -16.67 7.76
CA GLN A 169 -10.42 -16.66 7.75
C GLN A 169 -9.83 -17.52 6.65
N PRO A 170 -9.84 -18.86 6.84
CA PRO A 170 -9.22 -19.76 5.86
C PRO A 170 -9.72 -19.56 4.43
N LYS A 171 -10.98 -19.14 4.26
CA LYS A 171 -11.55 -18.90 2.93
C LYS A 171 -10.73 -17.90 2.14
N TYR A 172 -10.10 -16.96 2.84
CA TYR A 172 -9.34 -15.89 2.20
C TYR A 172 -7.87 -16.21 2.03
N SER A 173 -7.36 -17.18 2.77
CA SER A 173 -5.95 -17.56 2.64
C SER A 173 -5.73 -18.84 1.82
N ASP A 174 -6.79 -19.62 1.58
CA ASP A 174 -6.73 -20.81 0.72
C ASP A 174 -6.55 -20.42 -0.73
N GLY A 175 -5.79 -21.22 -1.46
CA GLY A 175 -5.78 -21.16 -2.92
C GLY A 175 -4.72 -20.31 -3.56
N PHE A 176 -3.70 -19.95 -2.80
CA PHE A 176 -2.57 -19.13 -3.31
C PHE A 176 -1.24 -19.84 -3.23
N GLY A 177 -1.28 -21.16 -3.07
CA GLY A 177 -0.06 -21.95 -2.92
C GLY A 177 0.48 -21.88 -1.49
N PRO A 178 1.72 -22.33 -1.30
CA PRO A 178 2.18 -22.55 0.07
C PRO A 178 2.21 -21.28 0.93
N LYS A 179 1.54 -21.35 2.07
CA LYS A 179 1.40 -20.20 2.95
C LYS A 179 2.64 -20.09 3.83
N PRO A 180 3.03 -18.87 4.22
CA PRO A 180 4.09 -18.75 5.22
C PRO A 180 3.67 -19.53 6.48
N ALA A 181 4.55 -20.41 6.97
CA ALA A 181 4.22 -21.36 8.03
C ALA A 181 4.39 -20.77 9.43
N ASP A 182 4.12 -21.61 10.42
CA ASP A 182 4.32 -21.25 11.84
C ASP A 182 3.36 -20.17 12.34
N ILE A 183 2.12 -20.26 11.87
CA ILE A 183 1.05 -19.43 12.35
C ILE A 183 -0.04 -20.34 12.93
N ILE A 184 -0.42 -20.10 14.17
CA ILE A 184 -1.42 -20.90 14.88
C ILE A 184 -2.62 -20.03 15.22
N HIS A 185 -3.82 -20.51 14.87
CA HIS A 185 -5.06 -19.78 15.19
C HIS A 185 -5.86 -20.43 16.29
N VAL A 186 -6.30 -19.61 17.24
CA VAL A 186 -7.18 -20.02 18.32
C VAL A 186 -8.36 -19.03 18.38
N PRO A 187 -9.41 -19.33 19.15
CA PRO A 187 -10.57 -18.43 19.20
C PRO A 187 -10.25 -17.09 19.88
N PHE A 188 -10.76 -16.01 19.29
CA PHE A 188 -10.68 -14.70 19.93
C PHE A 188 -11.32 -14.78 21.31
N ASN A 189 -10.69 -14.11 22.27
CA ASN A 189 -11.17 -14.07 23.66
C ASN A 189 -10.98 -15.37 24.44
N ASP A 190 -10.26 -16.34 23.88
CA ASP A 190 -10.02 -17.61 24.58
C ASP A 190 -8.60 -17.62 25.13
N LEU A 191 -8.44 -17.10 26.34
CA LEU A 191 -7.12 -16.99 26.93
C LEU A 191 -6.52 -18.38 27.22
N HIS A 192 -7.33 -19.32 27.68
CA HIS A 192 -6.82 -20.67 27.89
C HIS A 192 -6.18 -21.26 26.64
N ALA A 193 -6.83 -21.09 25.49
CA ALA A 193 -6.27 -21.59 24.24
C ALA A 193 -4.92 -20.97 23.90
N VAL A 194 -4.76 -19.67 24.16
CA VAL A 194 -3.49 -19.02 23.93
C VAL A 194 -2.43 -19.60 24.84
N LYS A 195 -2.76 -19.77 26.12
CA LYS A 195 -1.83 -20.37 27.06
C LYS A 195 -1.37 -21.75 26.60
N ALA A 196 -2.32 -22.50 26.05
CA ALA A 196 -2.06 -23.87 25.62
C ALA A 196 -1.07 -23.96 24.47
N VAL A 197 -1.11 -23.00 23.55
CA VAL A 197 -0.27 -23.09 22.36
C VAL A 197 1.05 -22.35 22.48
N MET A 198 1.17 -21.42 23.42
CA MET A 198 2.38 -20.62 23.52
C MET A 198 3.48 -21.38 24.22
N ASP A 199 4.71 -21.07 23.81
CA ASP A 199 5.89 -21.71 24.34
C ASP A 199 7.12 -20.87 24.04
N ASP A 200 8.30 -21.39 24.38
CA ASP A 200 9.52 -20.65 24.16
C ASP A 200 9.88 -20.45 22.69
N HIS A 201 9.18 -21.17 21.81
CA HIS A 201 9.35 -21.04 20.37
C HIS A 201 8.37 -20.08 19.75
N THR A 202 7.67 -19.32 20.58
CA THR A 202 6.65 -18.36 20.13
C THR A 202 7.28 -16.97 20.04
N CYS A 203 7.14 -16.33 18.88
CA CYS A 203 7.69 -14.98 18.70
C CYS A 203 6.68 -13.86 18.89
N ALA A 204 5.39 -14.14 18.72
CA ALA A 204 4.40 -13.06 18.73
C ALA A 204 3.01 -13.57 18.97
N VAL A 205 2.20 -12.70 19.58
CA VAL A 205 0.76 -12.83 19.57
C VAL A 205 0.25 -11.60 18.84
N VAL A 206 -0.54 -11.83 17.79
CA VAL A 206 -1.13 -10.76 16.97
C VAL A 206 -2.62 -10.70 17.22
N VAL A 207 -3.11 -9.52 17.59
CA VAL A 207 -4.52 -9.39 17.95
C VAL A 207 -5.05 -8.01 17.57
N GLU A 208 -6.29 -7.99 17.11
CA GLU A 208 -7.04 -6.73 17.00
C GLU A 208 -7.74 -6.52 18.35
N PRO A 209 -7.49 -5.38 19.04
CA PRO A 209 -8.18 -5.19 20.32
C PRO A 209 -9.72 -5.29 20.17
N ILE A 210 -10.26 -4.81 19.07
CA ILE A 210 -11.62 -5.13 18.66
C ILE A 210 -11.52 -5.69 17.25
N GLN A 211 -12.10 -6.86 17.04
CA GLN A 211 -12.15 -7.42 15.68
C GLN A 211 -13.28 -6.73 14.92
N GLY A 212 -12.92 -5.85 13.99
CA GLY A 212 -13.93 -5.07 13.27
C GLY A 212 -14.65 -5.93 12.24
N GLU A 213 -13.89 -6.47 11.29
CA GLU A 213 -14.46 -7.35 10.26
C GLU A 213 -15.13 -8.57 10.89
N GLY A 214 -14.53 -9.11 11.95
CA GLY A 214 -15.03 -10.30 12.63
C GLY A 214 -16.20 -10.07 13.56
N GLY A 215 -17.21 -9.36 13.08
CA GLY A 215 -18.44 -9.19 13.84
C GLY A 215 -18.40 -8.14 14.93
N VAL A 216 -17.43 -7.23 14.88
CA VAL A 216 -17.29 -6.15 15.88
C VAL A 216 -17.25 -6.76 17.29
N GLN A 217 -16.24 -7.56 17.55
CA GLN A 217 -16.09 -8.23 18.84
C GLN A 217 -14.93 -7.64 19.60
N ALA A 218 -15.20 -7.10 20.78
CA ALA A 218 -14.16 -6.50 21.60
C ALA A 218 -13.48 -7.54 22.48
N ALA A 219 -12.17 -7.38 22.65
CA ALA A 219 -11.44 -8.17 23.64
C ALA A 219 -12.01 -7.93 25.03
N THR A 220 -12.10 -8.99 25.84
CA THR A 220 -12.41 -8.76 27.25
C THR A 220 -11.15 -8.27 27.96
N PRO A 221 -11.32 -7.53 29.07
CA PRO A 221 -10.15 -7.06 29.80
C PRO A 221 -9.21 -8.17 30.24
N GLU A 222 -9.74 -9.27 30.75
CA GLU A 222 -8.92 -10.38 31.24
CA GLU A 222 -8.86 -10.30 31.24
C GLU A 222 -8.13 -11.01 30.09
N PHE A 223 -8.78 -11.13 28.93
CA PHE A 223 -8.12 -11.71 27.75
C PHE A 223 -6.94 -10.84 27.32
N LEU A 224 -7.16 -9.55 27.17
CA LEU A 224 -6.11 -8.70 26.66
C LEU A 224 -4.95 -8.59 27.65
N LYS A 225 -5.26 -8.43 28.92
CA LYS A 225 -4.21 -8.43 29.94
C LYS A 225 -3.47 -9.76 29.99
N GLY A 226 -4.21 -10.85 29.80
CA GLY A 226 -3.62 -12.17 29.78
C GLY A 226 -2.63 -12.34 28.64
N LEU A 227 -2.92 -11.75 27.48
CA LEU A 227 -2.00 -11.82 26.37
C LEU A 227 -0.69 -11.13 26.72
N ARG A 228 -0.80 -9.97 27.38
CA ARG A 228 0.39 -9.25 27.82
C ARG A 228 1.23 -10.10 28.77
N ASP A 229 0.58 -10.76 29.72
CA ASP A 229 1.31 -11.56 30.69
C ASP A 229 1.96 -12.78 30.03
N LEU A 230 1.24 -13.42 29.10
CA LEU A 230 1.80 -14.58 28.41
C LEU A 230 2.97 -14.19 27.50
N CYS A 231 2.86 -13.05 26.84
CA CYS A 231 3.96 -12.57 26.01
C CYS A 231 5.19 -12.30 26.89
N ASP A 232 4.97 -11.70 28.07
CA ASP A 232 6.07 -11.45 29.00
C ASP A 232 6.71 -12.79 29.41
N GLU A 233 5.87 -13.76 29.76
CA GLU A 233 6.37 -15.06 30.24
C GLU A 233 7.22 -15.78 29.19
N HIS A 234 6.77 -15.73 27.93
CA HIS A 234 7.41 -16.49 26.86
C HIS A 234 8.38 -15.70 26.04
N GLN A 235 8.65 -14.46 26.43
CA GLN A 235 9.50 -13.57 25.63
C GLN A 235 9.01 -13.44 24.20
N ALA A 236 7.70 -13.29 24.04
CA ALA A 236 7.10 -13.04 22.74
C ALA A 236 6.66 -11.58 22.70
N LEU A 237 6.49 -11.04 21.50
CA LEU A 237 5.99 -9.68 21.36
C LEU A 237 4.51 -9.65 21.12
N LEU A 238 3.86 -8.74 21.82
CA LEU A 238 2.43 -8.54 21.68
C LEU A 238 2.22 -7.46 20.63
N VAL A 239 1.52 -7.85 19.56
CA VAL A 239 1.31 -6.98 18.40
C VAL A 239 -0.18 -6.64 18.33
N PHE A 240 -0.49 -5.35 18.46
CA PHE A 240 -1.87 -4.89 18.33
C PHE A 240 -2.09 -4.32 16.94
N ASP A 241 -3.03 -4.92 16.21
CA ASP A 241 -3.47 -4.39 14.92
C ASP A 241 -4.57 -3.38 15.21
N GLU A 242 -4.21 -2.09 15.19
CA GLU A 242 -5.19 -1.04 15.43
C GLU A 242 -5.48 -0.30 14.15
N VAL A 243 -5.33 -0.97 13.01
CA VAL A 243 -5.65 -0.35 11.73
C VAL A 243 -7.10 0.14 11.70
N GLN A 244 -8.02 -0.66 12.23
CA GLN A 244 -9.41 -0.24 12.23
C GLN A 244 -9.85 0.45 13.50
N CYS A 245 -9.34 0.00 14.64
CA CYS A 245 -9.82 0.52 15.92
C CYS A 245 -8.99 1.66 16.47
N GLY A 246 -7.92 2.03 15.77
CA GLY A 246 -7.05 3.12 16.22
C GLY A 246 -7.42 4.50 15.69
N MET A 247 -6.57 5.46 16.01
CA MET A 247 -6.73 6.86 15.60
C MET A 247 -8.11 7.42 15.91
N GLY A 248 -8.49 7.25 17.18
CA GLY A 248 -9.70 7.86 17.71
C GLY A 248 -10.96 7.04 17.60
N ARG A 249 -10.95 5.94 16.84
CA ARG A 249 -12.18 5.23 16.54
C ARG A 249 -12.96 4.85 17.79
N THR A 250 -12.26 4.43 18.83
CA THR A 250 -12.91 3.98 20.07
C THR A 250 -13.22 5.08 21.05
N GLY A 251 -12.80 6.31 20.76
CA GLY A 251 -12.97 7.40 21.72
C GLY A 251 -11.78 7.61 22.61
N ASP A 252 -10.76 6.76 22.47
CA ASP A 252 -9.39 7.04 22.93
C ASP A 252 -8.52 7.10 21.68
N LEU A 253 -7.34 7.70 21.77
CA LEU A 253 -6.53 7.77 20.57
C LEU A 253 -6.28 6.37 20.00
N PHE A 254 -5.92 5.43 20.88
CA PHE A 254 -5.81 4.03 20.49
C PHE A 254 -6.56 3.19 21.48
N ALA A 255 -7.10 2.08 21.01
CA ALA A 255 -7.87 1.19 21.88
C ALA A 255 -7.04 0.67 23.05
N TYR A 256 -5.73 0.49 22.88
CA TYR A 256 -4.93 -0.04 23.96
C TYR A 256 -5.02 0.85 25.19
N MET A 257 -5.26 2.14 24.95
CA MET A 257 -5.36 3.12 26.03
C MET A 257 -6.62 2.93 26.86
N HIS A 258 -7.71 2.49 26.23
CA HIS A 258 -8.93 2.13 26.97
C HIS A 258 -8.66 0.98 27.91
N TYR A 259 -7.92 -0.01 27.42
CA TYR A 259 -7.68 -1.22 28.16
C TYR A 259 -6.56 -1.09 29.18
N GLY A 260 -5.66 -0.13 28.98
CA GLY A 260 -4.50 -0.03 29.84
C GLY A 260 -3.48 -1.14 29.64
N VAL A 261 -3.49 -1.76 28.45
CA VAL A 261 -2.55 -2.85 28.14
C VAL A 261 -1.65 -2.34 27.03
N THR A 262 -0.35 -2.25 27.30
CA THR A 262 0.61 -1.71 26.35
C THR A 262 1.22 -2.81 25.50
N PRO A 263 1.02 -2.73 24.16
CA PRO A 263 1.62 -3.74 23.29
C PRO A 263 3.10 -3.44 23.05
N ASP A 264 3.80 -4.39 22.44
CA ASP A 264 5.16 -4.15 22.00
C ASP A 264 5.24 -3.44 20.65
N ILE A 265 4.30 -3.79 19.77
CA ILE A 265 4.21 -3.21 18.44
C ILE A 265 2.73 -2.91 18.19
N LEU A 266 2.46 -1.76 17.56
CA LEU A 266 1.11 -1.39 17.20
C LEU A 266 1.09 -0.91 15.75
N THR A 267 0.05 -1.29 15.01
CA THR A 267 -0.12 -0.76 13.67
C THR A 267 -1.37 0.12 13.56
N SER A 268 -1.27 1.09 12.67
CA SER A 268 -2.29 2.12 12.47
C SER A 268 -2.37 2.43 10.98
N ALA A 269 -3.57 2.67 10.48
CA ALA A 269 -3.77 3.14 9.10
C ALA A 269 -5.20 3.66 9.07
N LYS A 270 -5.90 3.52 7.94
CA LYS A 270 -7.29 3.98 7.80
C LYS A 270 -7.48 5.43 8.29
N ALA A 271 -8.01 5.62 9.48
CA ALA A 271 -8.25 6.97 9.99
C ALA A 271 -7.00 7.84 10.05
N LEU A 272 -5.82 7.23 10.15
CA LEU A 272 -4.58 8.00 10.26
C LEU A 272 -4.45 9.10 9.22
N GLY A 273 -4.84 8.80 8.00
CA GLY A 273 -4.73 9.76 6.89
C GLY A 273 -6.04 10.38 6.48
N GLY A 274 -7.13 10.04 7.20
CA GLY A 274 -8.46 10.59 6.90
C GLY A 274 -8.94 10.36 5.48
N GLY A 275 -8.37 9.38 4.79
CA GLY A 275 -8.68 9.14 3.38
C GLY A 275 -7.46 9.10 2.48
N PHE A 276 -6.35 9.68 2.94
CA PHE A 276 -5.10 9.59 2.19
C PHE A 276 -4.41 8.27 2.54
N PRO A 277 -3.86 7.54 1.54
CA PRO A 277 -3.18 6.28 1.87
C PRO A 277 -1.91 6.50 2.69
N VAL A 278 -1.95 6.10 3.95
CA VAL A 278 -0.82 6.20 4.87
C VAL A 278 -1.01 5.18 5.99
N SER A 279 0.08 4.71 6.56
CA SER A 279 0.02 3.79 7.67
C SER A 279 1.27 3.94 8.53
N ALA A 280 1.23 3.37 9.73
CA ALA A 280 2.36 3.47 10.65
C ALA A 280 2.48 2.22 11.50
N MET A 281 3.73 1.89 11.81
CA MET A 281 4.06 0.83 12.75
CA MET A 281 4.04 0.84 12.75
C MET A 281 4.80 1.51 13.90
N LEU A 282 4.29 1.34 15.11
CA LEU A 282 4.80 1.98 16.32
C LEU A 282 5.45 0.93 17.19
N THR A 283 6.64 1.22 17.70
CA THR A 283 7.29 0.30 18.63
C THR A 283 8.31 1.03 19.50
N THR A 284 9.10 0.27 20.23
CA THR A 284 10.12 0.83 21.11
C THR A 284 11.46 0.87 20.40
N GLN A 285 12.40 1.61 20.96
CA GLN A 285 13.76 1.64 20.41
C GLN A 285 14.38 0.24 20.47
N GLU A 286 14.19 -0.45 21.58
CA GLU A 286 14.79 -1.76 21.75
C GLU A 286 14.36 -2.74 20.65
N ILE A 287 13.08 -2.73 20.31
CA ILE A 287 12.58 -3.62 19.28
C ILE A 287 12.96 -3.16 17.89
N ALA A 288 12.79 -1.87 17.63
CA ALA A 288 13.09 -1.31 16.31
C ALA A 288 14.56 -1.49 15.93
N SER A 289 15.44 -1.55 16.94
CA SER A 289 16.87 -1.72 16.67
C SER A 289 17.19 -3.02 15.98
N ALA A 290 16.29 -4.01 16.04
CA ALA A 290 16.52 -5.29 15.35
C ALA A 290 16.54 -5.12 13.84
N PHE A 291 15.91 -4.06 13.34
CA PHE A 291 15.96 -3.72 11.92
C PHE A 291 17.20 -2.90 11.61
N SER A 298 14.11 9.09 15.01
CA SER A 298 13.12 8.17 15.59
C SER A 298 12.04 7.75 14.59
N THR A 299 12.17 8.18 13.34
CA THR A 299 11.19 7.83 12.31
C THR A 299 11.89 7.20 11.12
N TYR A 300 11.15 6.38 10.39
CA TYR A 300 11.66 5.85 9.13
C TYR A 300 10.56 5.94 8.08
N GLY A 301 10.92 6.39 6.88
CA GLY A 301 9.96 6.49 5.79
C GLY A 301 8.91 7.55 5.98
N GLY A 302 7.84 7.44 5.20
CA GLY A 302 6.75 8.38 5.24
C GLY A 302 6.76 9.33 4.08
N ASN A 303 5.70 9.26 3.28
CA ASN A 303 5.49 10.15 2.15
C ASN A 303 5.22 11.57 2.70
N PRO A 304 5.96 12.60 2.23
CA PRO A 304 5.73 13.97 2.77
C PRO A 304 4.29 14.42 2.66
N LEU A 305 3.64 14.16 1.53
CA LEU A 305 2.26 14.56 1.34
C LEU A 305 1.32 13.80 2.30
N ALA A 306 1.49 12.48 2.36
CA ALA A 306 0.70 11.65 3.24
C ALA A 306 0.85 12.10 4.69
N CYS A 307 2.10 12.36 5.09
CA CYS A 307 2.36 12.68 6.49
C CYS A 307 1.87 14.07 6.84
N ALA A 308 1.84 15.00 5.87
CA ALA A 308 1.26 16.31 6.13
C ALA A 308 -0.23 16.17 6.42
N VAL A 309 -0.92 15.39 5.61
CA VAL A 309 -2.35 15.17 5.79
C VAL A 309 -2.62 14.43 7.11
N ALA A 310 -1.83 13.40 7.38
CA ALA A 310 -2.00 12.65 8.62
C ALA A 310 -1.71 13.53 9.84
N GLY A 311 -0.77 14.48 9.72
CA GLY A 311 -0.48 15.40 10.82
C GLY A 311 -1.67 16.31 11.11
N ALA A 312 -2.32 16.80 10.06
CA ALA A 312 -3.53 17.61 10.25
C ALA A 312 -4.65 16.79 10.84
N THR A 313 -4.77 15.53 10.41
CA THR A 313 -5.79 14.63 10.94
C THR A 313 -5.56 14.38 12.44
N PHE A 314 -4.32 14.03 12.78
CA PHE A 314 -3.91 13.77 14.15
C PHE A 314 -4.22 14.98 15.04
N ASP A 315 -3.92 16.18 14.55
CA ASP A 315 -4.12 17.40 15.34
C ASP A 315 -5.56 17.63 15.73
N ILE A 316 -6.50 17.19 14.88
CA ILE A 316 -7.91 17.33 15.18
C ILE A 316 -8.40 16.18 16.06
N ILE A 317 -8.04 14.94 15.71
CA ILE A 317 -8.57 13.79 16.43
C ILE A 317 -8.07 13.76 17.86
N ASN A 318 -6.79 14.07 18.05
CA ASN A 318 -6.18 14.02 19.38
C ASN A 318 -6.44 15.29 20.19
N THR A 319 -7.72 15.58 20.41
CA THR A 319 -8.12 16.71 21.25
C THR A 319 -9.15 16.17 22.23
N PRO A 320 -9.18 16.72 23.45
CA PRO A 320 -10.19 16.27 24.42
C PRO A 320 -11.60 16.35 23.87
N GLU A 321 -11.90 17.45 23.18
CA GLU A 321 -13.25 17.70 22.71
C GLU A 321 -13.69 16.71 21.63
N VAL A 322 -12.83 16.42 20.66
CA VAL A 322 -13.21 15.45 19.64
C VAL A 322 -13.38 14.06 20.26
N LEU A 323 -12.45 13.67 21.13
CA LEU A 323 -12.53 12.36 21.75
C LEU A 323 -13.78 12.22 22.65
N GLN A 324 -14.11 13.26 23.41
CA GLN A 324 -15.37 13.27 24.16
C GLN A 324 -16.58 13.12 23.24
N GLY A 325 -16.57 13.89 22.15
CA GLY A 325 -17.69 13.89 21.20
C GLY A 325 -17.95 12.52 20.57
N ILE A 326 -16.91 11.72 20.41
CA ILE A 326 -17.07 10.37 19.86
C ILE A 326 -18.01 9.54 20.75
N HIS A 327 -17.92 9.72 22.07
CA HIS A 327 -18.78 9.02 23.02
C HIS A 327 -20.18 9.54 23.01
N THR A 328 -20.33 10.86 22.90
CA THR A 328 -21.66 11.47 22.80
C THR A 328 -22.37 10.93 21.57
N LYS A 329 -21.64 10.95 20.47
CA LYS A 329 -22.19 10.54 19.18
C LYS A 329 -22.52 9.06 19.19
N ARG A 330 -21.67 8.24 19.79
CA ARG A 330 -21.98 6.82 19.91
C ARG A 330 -23.35 6.62 20.56
N GLN A 331 -23.59 7.32 21.66
CA GLN A 331 -24.89 7.13 22.31
C GLN A 331 -26.05 7.60 21.45
N GLN A 332 -25.86 8.64 20.65
CA GLN A 332 -26.89 9.07 19.71
C GLN A 332 -27.21 7.96 18.71
N PHE A 333 -26.18 7.33 18.14
CA PHE A 333 -26.41 6.18 17.27
C PHE A 333 -27.10 5.03 17.99
N VAL A 334 -26.59 4.69 19.17
CA VAL A 334 -27.08 3.53 19.90
C VAL A 334 -28.55 3.70 20.29
N GLN A 335 -28.92 4.90 20.70
CA GLN A 335 -30.34 5.18 21.04
C GLN A 335 -31.24 4.96 19.83
N HIS A 336 -30.79 5.39 18.64
CA HIS A 336 -31.53 5.10 17.42
C HIS A 336 -31.63 3.63 17.11
N LEU A 337 -30.53 2.90 17.28
CA LEU A 337 -30.55 1.46 17.05
C LEU A 337 -31.48 0.75 18.01
N GLN A 338 -31.50 1.21 19.26
CA GLN A 338 -32.42 0.66 20.26
C GLN A 338 -33.87 0.93 19.87
N ALA A 339 -34.15 2.14 19.39
CA ALA A 339 -35.50 2.50 18.95
C ALA A 339 -35.91 1.65 17.74
N ILE A 340 -34.99 1.43 16.81
CA ILE A 340 -35.25 0.57 15.67
C ILE A 340 -35.58 -0.85 16.13
N ASP A 341 -34.83 -1.36 17.09
CA ASP A 341 -35.12 -2.69 17.62
C ASP A 341 -36.47 -2.75 18.34
N GLU A 342 -36.80 -1.71 19.09
CA GLU A 342 -38.08 -1.66 19.79
CA GLU A 342 -38.09 -1.64 19.78
C GLU A 342 -39.23 -1.74 18.78
N GLN A 343 -39.09 -1.05 17.65
CA GLN A 343 -40.15 -1.04 16.64
C GLN A 343 -40.20 -2.31 15.79
N PHE A 344 -39.03 -2.85 15.44
CA PHE A 344 -38.94 -3.88 14.41
C PHE A 344 -38.40 -5.23 14.85
N ASP A 345 -37.84 -5.31 16.07
CA ASP A 345 -37.41 -6.58 16.66
C ASP A 345 -36.36 -7.27 15.78
N ILE A 346 -35.25 -6.57 15.53
CA ILE A 346 -34.25 -7.08 14.60
C ILE A 346 -32.87 -7.30 15.20
N PHE A 347 -32.55 -6.69 16.34
CA PHE A 347 -31.18 -6.75 16.89
C PHE A 347 -31.10 -7.46 18.23
N SER A 348 -30.14 -8.37 18.33
CA SER A 348 -29.91 -9.11 19.56
C SER A 348 -28.82 -8.49 20.41
N ASP A 349 -27.96 -7.66 19.81
CA ASP A 349 -26.82 -7.09 20.52
C ASP A 349 -26.35 -5.85 19.79
N ILE A 350 -26.01 -4.82 20.56
CA ILE A 350 -25.36 -3.62 20.02
C ILE A 350 -24.02 -3.49 20.77
N ARG A 351 -22.93 -3.48 20.02
CA ARG A 351 -21.61 -3.57 20.64
C ARG A 351 -20.57 -2.74 19.89
N GLY A 352 -19.29 -2.93 20.21
CA GLY A 352 -18.22 -2.09 19.72
C GLY A 352 -17.79 -1.05 20.73
N MET A 353 -17.02 -0.06 20.27
CA MET A 353 -16.54 1.00 21.14
CA MET A 353 -16.48 0.97 21.12
C MET A 353 -16.46 2.27 20.33
N GLY A 354 -16.76 3.38 20.97
CA GLY A 354 -16.76 4.68 20.30
C GLY A 354 -17.60 4.64 19.05
N LEU A 355 -17.01 5.07 17.92
CA LEU A 355 -17.78 5.11 16.68
C LEU A 355 -17.44 3.94 15.75
N LEU A 356 -17.05 2.83 16.37
CA LEU A 356 -17.14 1.52 15.72
C LEU A 356 -18.32 0.81 16.38
N ILE A 357 -19.43 0.67 15.64
CA ILE A 357 -20.67 0.13 16.20
C ILE A 357 -21.06 -1.12 15.42
N GLY A 358 -21.40 -2.18 16.15
CA GLY A 358 -21.92 -3.40 15.54
C GLY A 358 -23.30 -3.64 16.09
N ALA A 359 -24.23 -4.02 15.21
CA ALA A 359 -25.56 -4.41 15.64
C ALA A 359 -25.83 -5.79 15.06
N GLU A 360 -25.84 -6.80 15.94
CA GLU A 360 -26.05 -8.17 15.52
C GLU A 360 -27.53 -8.43 15.28
N LEU A 361 -27.81 -9.07 14.15
CA LEU A 361 -29.17 -9.44 13.78
C LEU A 361 -29.67 -10.61 14.61
N LYS A 362 -30.94 -10.53 15.01
CA LYS A 362 -31.63 -11.65 15.68
C LYS A 362 -31.69 -12.87 14.75
N PRO A 363 -31.85 -14.08 15.32
CA PRO A 363 -31.87 -15.31 14.53
C PRO A 363 -32.80 -15.28 13.31
N LYS A 364 -33.97 -14.66 13.44
CA LYS A 364 -34.92 -14.51 12.32
C LYS A 364 -34.28 -13.83 11.10
N TYR A 365 -33.30 -12.97 11.35
CA TYR A 365 -32.62 -12.23 10.29
C TYR A 365 -31.18 -12.67 10.05
N LYS A 366 -30.81 -13.81 10.60
CA LYS A 366 -29.47 -14.37 10.45
C LYS A 366 -29.08 -14.43 8.97
N GLY A 367 -27.86 -14.01 8.68
CA GLY A 367 -27.31 -14.09 7.33
C GLY A 367 -27.78 -13.01 6.37
N ARG A 368 -28.61 -12.09 6.84
CA ARG A 368 -29.25 -11.10 5.97
C ARG A 368 -28.73 -9.67 6.10
N ALA A 369 -27.53 -9.52 6.64
CA ALA A 369 -26.93 -8.19 6.81
C ALA A 369 -26.86 -7.45 5.48
N ARG A 370 -26.56 -8.17 4.40
CA ARG A 370 -26.46 -7.54 3.09
C ARG A 370 -27.79 -6.97 2.60
N ASP A 371 -28.88 -7.63 2.95
CA ASP A 371 -30.22 -7.13 2.59
C ASP A 371 -30.45 -5.77 3.22
N PHE A 372 -30.05 -5.60 4.48
CA PHE A 372 -30.24 -4.32 5.15
C PHE A 372 -29.28 -3.27 4.63
N LEU A 373 -28.08 -3.71 4.23
CA LEU A 373 -27.12 -2.79 3.63
C LEU A 373 -27.67 -2.20 2.31
N TYR A 374 -28.18 -3.04 1.43
CA TYR A 374 -28.74 -2.58 0.15
C TYR A 374 -30.00 -1.74 0.36
N ALA A 375 -30.87 -2.15 1.29
CA ALA A 375 -32.04 -1.35 1.61
C ALA A 375 -31.63 0.02 2.16
N GLY A 376 -30.58 0.05 2.97
CA GLY A 376 -30.01 1.30 3.47
C GLY A 376 -29.61 2.22 2.32
N ALA A 377 -28.83 1.68 1.38
CA ALA A 377 -28.36 2.46 0.24
C ALA A 377 -29.54 3.01 -0.57
N GLU A 378 -30.56 2.18 -0.79
CA GLU A 378 -31.78 2.61 -1.48
CA GLU A 378 -31.78 2.61 -1.48
C GLU A 378 -32.45 3.76 -0.73
N ALA A 379 -32.44 3.70 0.60
CA ALA A 379 -32.99 4.77 1.43
C ALA A 379 -32.07 5.98 1.60
N GLY A 380 -30.89 5.94 0.99
CA GLY A 380 -29.95 7.07 1.06
C GLY A 380 -29.02 7.09 2.26
N VAL A 381 -28.72 5.93 2.84
CA VAL A 381 -27.73 5.85 3.92
C VAL A 381 -26.73 4.72 3.66
N MET A 382 -25.45 5.04 3.85
CA MET A 382 -24.39 4.09 3.62
C MET A 382 -23.96 3.47 4.93
N VAL A 383 -24.10 2.16 5.02
CA VAL A 383 -23.72 1.42 6.21
C VAL A 383 -22.77 0.29 5.81
N LEU A 384 -22.34 -0.51 6.78
CA LEU A 384 -21.45 -1.64 6.53
C LEU A 384 -22.05 -2.93 7.08
N ASN A 385 -21.39 -4.04 6.77
CA ASN A 385 -21.63 -5.30 7.45
C ASN A 385 -20.34 -5.67 8.19
N ALA A 386 -20.42 -6.66 9.07
CA ALA A 386 -19.23 -7.25 9.69
C ALA A 386 -19.50 -8.74 9.75
N GLY A 387 -19.48 -9.36 8.56
CA GLY A 387 -20.06 -10.67 8.38
C GLY A 387 -21.55 -10.57 8.09
N ALA A 388 -22.12 -11.70 7.68
CA ALA A 388 -23.50 -11.75 7.23
C ALA A 388 -24.54 -11.57 8.35
N ASP A 389 -24.09 -11.55 9.60
CA ASP A 389 -25.01 -11.43 10.73
C ASP A 389 -25.01 -10.07 11.42
N VAL A 390 -24.15 -9.16 11.00
CA VAL A 390 -23.89 -7.96 11.80
C VAL A 390 -23.89 -6.72 10.92
N MET A 391 -24.68 -5.71 11.32
CA MET A 391 -24.59 -4.38 10.73
C MET A 391 -23.47 -3.60 11.41
N ARG A 392 -22.70 -2.85 10.64
CA ARG A 392 -21.57 -2.10 11.18
C ARG A 392 -21.67 -0.65 10.75
N PHE A 393 -21.30 0.23 11.68
CA PHE A 393 -21.29 1.67 11.45
C PHE A 393 -19.93 2.20 11.84
N ALA A 394 -19.36 3.03 10.98
CA ALA A 394 -18.05 3.62 11.22
C ALA A 394 -18.00 5.02 10.62
N PRO A 395 -18.85 5.93 11.13
CA PRO A 395 -18.97 7.27 10.58
C PRO A 395 -17.78 8.13 10.96
N SER A 396 -17.66 9.27 10.28
CA SER A 396 -16.78 10.34 10.71
C SER A 396 -16.87 10.54 12.21
N LEU A 397 -15.70 10.72 12.83
CA LEU A 397 -15.64 10.99 14.28
C LEU A 397 -16.22 12.34 14.64
N VAL A 398 -16.40 13.21 13.64
CA VAL A 398 -17.01 14.51 13.86
C VAL A 398 -18.37 14.62 13.17
N VAL A 399 -19.00 13.48 12.86
CA VAL A 399 -20.30 13.51 12.21
C VAL A 399 -21.27 14.41 13.00
N GLU A 400 -21.91 15.32 12.30
CA GLU A 400 -22.84 16.26 12.93
C GLU A 400 -24.06 15.51 13.45
N GLU A 401 -24.55 15.96 14.60
CA GLU A 401 -25.75 15.35 15.17
C GLU A 401 -26.92 15.32 14.17
N ALA A 402 -27.11 16.39 13.40
CA ALA A 402 -28.18 16.43 12.42
C ALA A 402 -28.04 15.28 11.40
N ASP A 403 -26.81 14.94 11.03
CA ASP A 403 -26.56 13.84 10.11
C ASP A 403 -26.80 12.49 10.78
N ILE A 404 -26.46 12.37 12.05
CA ILE A 404 -26.78 11.13 12.78
C ILE A 404 -28.30 10.89 12.75
N HIS A 405 -29.06 11.93 13.08
CA HIS A 405 -30.51 11.76 13.12
C HIS A 405 -31.13 11.52 11.78
N GLU A 406 -30.69 12.26 10.77
CA GLU A 406 -31.22 12.06 9.42
C GLU A 406 -30.84 10.66 8.88
N GLY A 407 -29.57 10.27 9.02
CA GLY A 407 -29.12 8.98 8.52
C GLY A 407 -29.83 7.83 9.22
N MET A 408 -30.06 7.97 10.52
CA MET A 408 -30.71 6.89 11.25
C MET A 408 -32.20 6.83 10.96
N GLN A 409 -32.81 7.96 10.61
CA GLN A 409 -34.18 7.92 10.14
C GLN A 409 -34.26 7.18 8.80
N ARG A 410 -33.30 7.43 7.91
CA ARG A 410 -33.24 6.69 6.65
C ARG A 410 -33.02 5.20 6.90
N PHE A 411 -32.15 4.86 7.85
CA PHE A 411 -31.91 3.47 8.15
C PHE A 411 -33.14 2.79 8.73
N ALA A 412 -33.88 3.51 9.60
CA ALA A 412 -35.13 2.99 10.14
C ALA A 412 -36.14 2.72 9.03
N GLN A 413 -36.20 3.64 8.05
CA GLN A 413 -37.08 3.47 6.90
C GLN A 413 -36.69 2.23 6.08
N ALA A 414 -35.39 2.04 5.89
CA ALA A 414 -34.88 0.86 5.19
C ALA A 414 -35.25 -0.43 5.92
N VAL A 415 -35.00 -0.47 7.22
CA VAL A 415 -35.40 -1.62 8.04
C VAL A 415 -36.90 -1.88 7.89
N GLY A 416 -37.71 -0.82 7.99
CA GLY A 416 -39.16 -0.89 7.80
C GLY A 416 -39.58 -1.51 6.49
N LYS A 417 -38.90 -1.14 5.40
CA LYS A 417 -39.18 -1.68 4.08
C LYS A 417 -38.87 -3.17 4.01
N VAL A 418 -37.75 -3.57 4.61
CA VAL A 418 -37.32 -4.97 4.62
C VAL A 418 -38.29 -5.82 5.44
N VAL A 419 -38.62 -5.36 6.64
CA VAL A 419 -39.49 -6.13 7.54
C VAL A 419 -40.95 -6.15 7.08
N ALA A 420 -41.37 -5.14 6.34
CA ALA A 420 -42.74 -5.09 5.80
C ALA A 420 -42.99 -6.25 4.84
N LEU A 421 -41.94 -6.64 4.13
CA LEU A 421 -41.98 -7.78 3.22
C LEU A 421 -42.01 -9.11 3.99
N GLU A 422 -41.49 -9.08 5.22
CA GLU A 422 -41.28 -10.30 6.00
C GLU A 422 -41.13 -10.05 7.50
N LEU B 33 26.48 -0.21 3.99
CA LEU B 33 25.38 -1.09 3.48
C LEU B 33 24.27 -0.26 2.81
N PRO B 34 23.20 0.04 3.57
CA PRO B 34 22.14 0.90 3.04
C PRO B 34 22.61 2.34 2.87
N VAL B 35 21.94 3.08 1.97
CA VAL B 35 22.20 4.49 1.76
C VAL B 35 21.16 5.28 2.55
N TYR B 36 21.63 6.04 3.53
CA TYR B 36 20.75 6.94 4.29
C TYR B 36 21.36 8.32 4.38
N ALA B 37 20.50 9.33 4.37
CA ALA B 37 20.94 10.71 4.51
C ALA B 37 21.25 11.02 5.97
N PRO B 38 22.33 11.80 6.21
CA PRO B 38 22.61 12.28 7.56
C PRO B 38 21.59 13.34 7.98
N ALA B 39 21.65 13.73 9.26
CA ALA B 39 20.76 14.74 9.82
C ALA B 39 20.75 16.08 9.07
N ASP B 40 21.83 16.40 8.35
CA ASP B 40 21.96 17.69 7.66
C ASP B 40 21.55 17.67 6.17
N PHE B 41 20.86 16.61 5.76
CA PHE B 41 20.31 16.54 4.40
C PHE B 41 18.86 16.07 4.44
N ILE B 42 17.97 17.05 4.62
CA ILE B 42 16.53 16.79 4.71
C ILE B 42 15.86 17.64 3.63
N PRO B 43 15.36 16.98 2.57
CA PRO B 43 14.69 17.72 1.50
C PRO B 43 13.43 18.39 2.02
N VAL B 44 13.23 19.66 1.64
CA VAL B 44 12.03 20.37 2.08
C VAL B 44 11.16 20.88 0.95
N LYS B 45 11.75 21.09 -0.22
CA LYS B 45 11.01 21.68 -1.32
C LYS B 45 11.55 21.14 -2.62
N GLY B 46 10.66 20.88 -3.56
CA GLY B 46 11.08 20.48 -4.89
C GLY B 46 10.28 21.23 -5.93
N LYS B 47 10.95 21.55 -7.03
CA LYS B 47 10.27 22.10 -8.19
C LYS B 47 10.96 21.62 -9.45
N GLY B 48 10.23 20.92 -10.31
CA GLY B 48 10.86 20.31 -11.48
C GLY B 48 11.92 19.31 -11.05
N SER B 49 13.14 19.48 -11.57
CA SER B 49 14.23 18.59 -11.21
C SER B 49 15.21 19.23 -10.24
N ARG B 50 14.73 20.20 -9.47
CA ARG B 50 15.52 20.80 -8.40
C ARG B 50 14.88 20.61 -7.02
N VAL B 51 15.73 20.35 -6.04
CA VAL B 51 15.33 20.08 -4.65
C VAL B 51 16.15 20.97 -3.72
N TRP B 52 15.50 21.51 -2.70
CA TRP B 52 16.20 22.28 -1.66
C TRP B 52 16.09 21.60 -0.33
N ASP B 53 17.18 21.66 0.46
CA ASP B 53 17.15 21.08 1.80
C ASP B 53 16.89 22.15 2.86
N GLN B 54 16.91 21.75 4.13
CA GLN B 54 16.63 22.65 5.26
C GLN B 54 17.60 23.82 5.36
N GLN B 55 18.81 23.65 4.83
CA GLN B 55 19.83 24.71 4.88
C GLN B 55 19.77 25.57 3.63
N GLY B 56 18.85 25.22 2.72
CA GLY B 56 18.68 25.97 1.50
C GLY B 56 19.62 25.57 0.37
N LYS B 57 20.37 24.49 0.57
CA LYS B 57 21.24 23.97 -0.48
C LYS B 57 20.39 23.40 -1.61
N GLU B 58 20.76 23.73 -2.84
CA GLU B 58 20.02 23.32 -4.03
C GLU B 58 20.69 22.11 -4.66
N TYR B 59 19.88 21.12 -5.02
CA TYR B 59 20.36 19.93 -5.70
C TYR B 59 19.63 19.74 -7.02
N ILE B 60 20.34 19.21 -8.01
CA ILE B 60 19.70 18.71 -9.24
C ILE B 60 19.36 17.25 -8.99
N ASP B 61 18.12 16.90 -9.30
CA ASP B 61 17.59 15.59 -8.97
C ASP B 61 17.65 14.62 -10.16
N PHE B 62 18.68 13.76 -10.17
CA PHE B 62 18.76 12.70 -11.17
C PHE B 62 18.33 11.35 -10.61
N ALA B 63 17.68 11.35 -9.44
CA ALA B 63 17.27 10.13 -8.74
C ALA B 63 15.76 9.91 -8.74
N GLY B 64 15.01 11.02 -8.74
CA GLY B 64 13.56 10.93 -8.74
C GLY B 64 12.94 10.14 -7.60
N GLY B 65 13.60 10.12 -6.44
CA GLY B 65 13.07 9.35 -5.30
C GLY B 65 13.06 7.87 -5.61
N ILE B 66 14.04 7.45 -6.42
CA ILE B 66 14.18 6.08 -6.96
C ILE B 66 13.15 5.84 -8.07
N ALA B 67 13.22 6.69 -9.11
CA ALA B 67 12.44 6.53 -10.33
C ALA B 67 10.93 6.73 -10.12
N VAL B 68 10.57 7.51 -9.10
CA VAL B 68 9.16 7.78 -8.75
C VAL B 68 8.64 9.08 -9.37
N THR B 69 9.36 10.18 -9.16
CA THR B 69 8.88 11.48 -9.65
C THR B 69 9.24 11.66 -11.12
N ALA B 70 8.52 10.89 -11.93
CA ALA B 70 8.75 10.83 -13.37
C ALA B 70 8.42 12.09 -14.12
N LEU B 71 7.70 13.01 -13.47
CA LEU B 71 7.42 14.33 -14.04
C LEU B 71 7.98 15.44 -13.17
N GLY B 72 8.95 15.08 -12.34
CA GLY B 72 9.57 16.03 -11.43
C GLY B 72 8.70 16.41 -10.26
N HIS B 73 9.17 17.39 -9.50
CA HIS B 73 8.50 17.81 -8.27
C HIS B 73 7.49 18.88 -8.53
N CYS B 74 6.31 18.71 -7.93
CA CYS B 74 5.23 19.70 -8.02
C CYS B 74 4.95 20.13 -9.45
N HIS B 75 4.82 19.15 -10.35
CA HIS B 75 4.45 19.44 -11.72
C HIS B 75 3.10 20.12 -11.73
N PRO B 76 2.94 21.27 -12.43
CA PRO B 76 1.67 22.01 -12.37
CA PRO B 76 1.67 21.99 -12.34
C PRO B 76 0.41 21.19 -12.72
N ALA B 77 0.52 20.29 -13.69
CA ALA B 77 -0.65 19.48 -14.06
C ALA B 77 -1.02 18.48 -12.95
N LEU B 78 -0.01 17.93 -12.28
CA LEU B 78 -0.26 16.97 -11.21
C LEU B 78 -0.76 17.68 -9.96
N VAL B 79 -0.21 18.84 -9.69
CA VAL B 79 -0.70 19.67 -8.57
C VAL B 79 -2.15 20.08 -8.81
N GLU B 80 -2.47 20.49 -10.03
CA GLU B 80 -3.85 20.83 -10.37
C GLU B 80 -4.79 19.64 -10.17
N ALA B 81 -4.39 18.45 -10.63
CA ALA B 81 -5.22 17.27 -10.48
C ALA B 81 -5.42 16.94 -8.99
N LEU B 82 -4.33 17.04 -8.21
CA LEU B 82 -4.39 16.78 -6.79
C LEU B 82 -5.36 17.74 -6.11
N LYS B 83 -5.21 19.02 -6.40
CA LYS B 83 -6.01 20.04 -5.72
C LYS B 83 -7.47 19.97 -6.12
N SER B 84 -7.74 19.80 -7.41
CA SER B 84 -9.13 19.78 -7.86
CA SER B 84 -9.10 19.73 -7.93
C SER B 84 -9.86 18.52 -7.38
N GLN B 85 -9.26 17.34 -7.51
CA GLN B 85 -9.90 16.16 -6.96
C GLN B 85 -9.95 16.23 -5.43
N GLY B 86 -8.97 16.89 -4.82
CA GLY B 86 -8.90 17.06 -3.37
C GLY B 86 -10.04 17.88 -2.80
N GLU B 87 -10.67 18.69 -3.64
CA GLU B 87 -11.86 19.45 -3.25
C GLU B 87 -13.16 18.67 -3.39
N THR B 88 -13.10 17.50 -4.02
CA THR B 88 -14.27 16.79 -4.53
C THR B 88 -14.53 15.48 -3.80
N LEU B 89 -13.54 14.59 -3.82
CA LEU B 89 -13.69 13.25 -3.24
C LEU B 89 -12.34 12.59 -3.20
N TRP B 90 -11.95 12.12 -2.02
CA TRP B 90 -10.65 11.44 -1.90
C TRP B 90 -10.75 9.96 -1.87
N HIS B 91 -11.79 9.44 -1.19
N HIS B 91 -11.72 9.45 -1.14
CA HIS B 91 -11.92 8.02 -0.80
CA HIS B 91 -11.65 8.07 -0.79
C HIS B 91 -13.34 7.57 -0.48
C HIS B 91 -12.91 7.39 -1.14
N THR B 92 -13.77 6.42 -1.02
N THR B 92 -12.77 6.23 -1.76
CA THR B 92 -15.09 5.85 -0.69
CA THR B 92 -13.83 5.23 -1.79
C THR B 92 -15.08 4.36 -0.36
C THR B 92 -13.20 3.90 -1.40
N SER B 93 -13.92 3.72 -0.56
N SER B 93 -14.00 3.03 -0.81
CA SER B 93 -13.74 2.28 -0.42
CA SER B 93 -13.55 1.67 -0.54
C SER B 93 -14.33 1.50 -1.60
C SER B 93 -13.66 0.84 -1.82
N ASN B 94 -13.88 0.26 -1.75
N ASN B 94 -13.12 -0.37 -1.77
CA ASN B 94 -14.31 -0.57 -2.84
CA ASN B 94 -13.13 -1.25 -2.93
C ASN B 94 -15.69 -1.20 -2.64
C ASN B 94 -14.50 -1.83 -3.26
N VAL B 95 -16.43 -0.71 -1.66
N VAL B 95 -15.47 -1.59 -2.37
CA VAL B 95 -17.86 -0.91 -1.66
CA VAL B 95 -16.86 -1.93 -2.62
C VAL B 95 -18.42 -0.20 -2.90
C VAL B 95 -17.41 -1.06 -3.73
N PHE B 96 -17.56 0.64 -3.51
N PHE B 96 -16.75 0.07 -3.93
CA PHE B 96 -17.86 1.42 -4.75
CA PHE B 96 -17.26 1.08 -4.80
C PHE B 96 -16.66 1.55 -5.72
C PHE B 96 -16.36 1.28 -5.96
N THR B 97 -16.92 1.85 -7.01
CA THR B 97 -15.99 2.36 -8.00
C THR B 97 -16.12 3.89 -7.95
N ASN B 98 -15.30 4.56 -8.74
CA ASN B 98 -15.31 6.01 -8.78
C ASN B 98 -14.83 6.45 -10.16
N GLU B 99 -15.12 7.69 -10.53
CA GLU B 99 -14.85 8.12 -11.90
C GLU B 99 -13.37 8.19 -12.23
N PRO B 100 -12.53 8.74 -11.32
CA PRO B 100 -11.10 8.75 -11.67
C PRO B 100 -10.51 7.36 -11.91
N ALA B 101 -10.91 6.37 -11.11
CA ALA B 101 -10.42 5.00 -11.31
C ALA B 101 -10.90 4.41 -12.63
N LEU B 102 -12.17 4.63 -12.96
CA LEU B 102 -12.73 4.15 -14.23
C LEU B 102 -12.01 4.75 -15.41
N ARG B 103 -11.79 6.06 -15.36
CA ARG B 103 -11.09 6.77 -16.43
C ARG B 103 -9.67 6.26 -16.59
N LEU B 104 -8.98 6.07 -15.48
CA LEU B 104 -7.60 5.58 -15.53
C LEU B 104 -7.53 4.14 -16.06
N GLY B 105 -8.44 3.29 -15.58
CA GLY B 105 -8.50 1.91 -16.06
C GLY B 105 -8.72 1.87 -17.56
N ARG B 106 -9.64 2.69 -18.06
CA ARG B 106 -9.91 2.78 -19.49
C ARG B 106 -8.65 3.20 -20.27
N LYS B 107 -7.91 4.16 -19.74
CA LYS B 107 -6.70 4.62 -20.41
C LYS B 107 -5.66 3.51 -20.49
N LEU B 108 -5.50 2.75 -19.40
CA LEU B 108 -4.52 1.67 -19.37
C LEU B 108 -4.96 0.54 -20.29
N ILE B 109 -6.25 0.23 -20.31
CA ILE B 109 -6.78 -0.80 -21.20
C ILE B 109 -6.60 -0.42 -22.67
N ASP B 110 -6.92 0.83 -23.01
CA ASP B 110 -6.81 1.28 -24.40
C ASP B 110 -5.36 1.26 -24.86
N ALA B 111 -4.42 1.52 -23.95
CA ALA B 111 -3.02 1.71 -24.33
C ALA B 111 -2.15 0.44 -24.27
N THR B 112 -2.69 -0.65 -23.72
CA THR B 112 -1.87 -1.82 -23.45
C THR B 112 -2.62 -3.09 -23.81
N PHE B 113 -2.01 -4.25 -23.54
CA PHE B 113 -2.66 -5.55 -23.72
C PHE B 113 -3.81 -5.75 -22.71
N ALA B 114 -3.82 -4.97 -21.63
CA ALA B 114 -4.73 -5.22 -20.51
C ALA B 114 -6.19 -5.15 -20.91
N GLU B 115 -6.99 -6.03 -20.29
CA GLU B 115 -8.45 -5.97 -20.41
C GLU B 115 -9.09 -5.69 -19.06
N ARG B 116 -8.33 -5.93 -17.99
CA ARG B 116 -8.80 -5.67 -16.62
C ARG B 116 -7.65 -5.13 -15.80
N VAL B 117 -7.98 -4.25 -14.86
CA VAL B 117 -7.00 -3.56 -14.02
C VAL B 117 -7.42 -3.69 -12.54
N LEU B 118 -6.44 -3.84 -11.66
CA LEU B 118 -6.71 -3.67 -10.22
C LEU B 118 -5.76 -2.61 -9.72
N PHE B 119 -6.28 -1.63 -8.98
CA PHE B 119 -5.45 -0.58 -8.41
C PHE B 119 -5.14 -0.85 -6.94
N MET B 120 -3.90 -0.58 -6.56
CA MET B 120 -3.44 -0.73 -5.19
CA MET B 120 -3.47 -0.68 -5.16
C MET B 120 -2.64 0.52 -4.81
N ASN B 121 -1.87 0.44 -3.72
CA ASN B 121 -1.18 1.64 -3.21
C ASN B 121 0.30 1.68 -3.39
N SER B 122 0.91 0.55 -3.72
CA SER B 122 2.36 0.44 -3.86
C SER B 122 2.72 -0.67 -4.84
N GLY B 123 3.95 -0.62 -5.33
CA GLY B 123 4.47 -1.68 -6.18
C GLY B 123 4.42 -3.03 -5.51
N THR B 124 4.77 -3.06 -4.23
CA THR B 124 4.74 -4.30 -3.47
C THR B 124 3.34 -4.89 -3.48
N GLU B 125 2.34 -4.06 -3.25
CA GLU B 125 0.96 -4.55 -3.26
C GLU B 125 0.52 -5.05 -4.63
N ALA B 126 0.91 -4.34 -5.68
CA ALA B 126 0.59 -4.77 -7.04
C ALA B 126 1.24 -6.13 -7.33
N ASN B 127 2.49 -6.31 -6.90
CA ASN B 127 3.15 -7.59 -7.09
C ASN B 127 2.51 -8.70 -6.26
N GLU B 128 2.17 -8.42 -5.01
CA GLU B 128 1.40 -9.38 -4.20
C GLU B 128 0.17 -9.86 -4.97
N THR B 129 -0.57 -8.92 -5.52
CA THR B 129 -1.78 -9.24 -6.26
C THR B 129 -1.48 -10.11 -7.48
N ALA B 130 -0.45 -9.73 -8.22
CA ALA B 130 -0.03 -10.47 -9.41
C ALA B 130 0.37 -11.90 -9.06
N PHE B 131 1.16 -12.07 -8.00
CA PHE B 131 1.67 -13.39 -7.64
C PHE B 131 0.53 -14.26 -7.10
N LYS B 132 -0.32 -13.68 -6.26
CA LYS B 132 -1.52 -14.39 -5.78
C LYS B 132 -2.42 -14.79 -6.96
N LEU B 133 -2.58 -13.90 -7.94
CA LEU B 133 -3.45 -14.19 -9.08
C LEU B 133 -2.86 -15.33 -9.91
N ALA B 134 -1.57 -15.29 -10.18
CA ALA B 134 -0.97 -16.39 -10.94
C ALA B 134 -1.13 -17.73 -10.20
N ARG B 135 -0.92 -17.71 -8.88
CA ARG B 135 -1.13 -18.90 -8.07
C ARG B 135 -2.57 -19.38 -8.15
N HIS B 136 -3.51 -18.46 -7.95
CA HIS B 136 -4.90 -18.85 -7.89
C HIS B 136 -5.43 -19.31 -9.22
N TYR B 137 -5.02 -18.65 -10.29
CA TYR B 137 -5.38 -19.08 -11.63
C TYR B 137 -4.94 -20.54 -11.89
N ALA B 138 -3.69 -20.85 -11.55
CA ALA B 138 -3.22 -22.23 -11.71
C ALA B 138 -4.03 -23.23 -10.87
N CYS B 139 -4.32 -22.84 -9.65
CA CYS B 139 -5.07 -23.69 -8.73
C CYS B 139 -6.46 -24.02 -9.28
N VAL B 140 -7.17 -23.01 -9.77
CA VAL B 140 -8.56 -23.27 -10.20
C VAL B 140 -8.65 -23.78 -11.63
N ARG B 141 -7.72 -23.40 -12.50
CA ARG B 141 -7.79 -23.83 -13.90
C ARG B 141 -7.14 -25.17 -14.14
N HIS B 142 -6.11 -25.50 -13.36
CA HIS B 142 -5.28 -26.66 -13.64
C HIS B 142 -5.17 -27.63 -12.50
N SER B 143 -4.59 -27.20 -11.38
CA SER B 143 -4.34 -28.12 -10.27
C SER B 143 -3.89 -27.35 -9.05
N PRO B 144 -4.35 -27.76 -7.85
CA PRO B 144 -3.82 -27.13 -6.64
C PRO B 144 -2.32 -27.37 -6.44
N PHE B 145 -1.75 -28.32 -7.17
CA PHE B 145 -0.32 -28.64 -7.05
C PHE B 145 0.59 -27.84 -7.98
N LYS B 146 -0.02 -27.04 -8.86
CA LYS B 146 0.75 -26.27 -9.84
C LYS B 146 1.12 -24.93 -9.20
N THR B 147 2.22 -24.96 -8.45
CA THR B 147 2.57 -23.87 -7.55
C THR B 147 3.96 -23.27 -7.79
N LYS B 148 4.83 -23.88 -8.60
CA LYS B 148 6.19 -23.34 -8.65
C LYS B 148 6.20 -21.95 -9.31
N ILE B 149 6.96 -21.03 -8.70
CA ILE B 149 7.20 -19.72 -9.28
C ILE B 149 8.68 -19.64 -9.60
N ILE B 150 9.01 -19.31 -10.85
CA ILE B 150 10.41 -19.10 -11.25
C ILE B 150 10.70 -17.61 -11.23
N ALA B 151 11.77 -17.24 -10.53
CA ALA B 151 12.21 -15.85 -10.47
C ALA B 151 13.74 -15.81 -10.59
N PHE B 152 14.32 -14.62 -10.50
CA PHE B 152 15.72 -14.44 -10.91
C PHE B 152 16.61 -13.89 -9.83
N HIS B 153 17.84 -14.38 -9.79
CA HIS B 153 18.83 -13.79 -8.90
C HIS B 153 18.89 -12.31 -9.14
N ASN B 154 19.01 -11.57 -8.03
CA ASN B 154 19.09 -10.08 -8.01
C ASN B 154 17.78 -9.37 -8.32
N ALA B 155 16.70 -10.12 -8.48
CA ALA B 155 15.39 -9.50 -8.70
C ALA B 155 14.98 -8.72 -7.48
N PHE B 156 14.26 -7.62 -7.69
CA PHE B 156 13.64 -6.91 -6.58
C PHE B 156 12.16 -6.74 -6.89
N HIS B 157 11.30 -7.20 -5.97
CA HIS B 157 9.84 -7.18 -6.18
C HIS B 157 9.08 -6.57 -5.02
N GLY B 158 9.81 -6.07 -4.03
CA GLY B 158 9.20 -5.49 -2.84
C GLY B 158 9.68 -6.14 -1.57
N GLN B 159 9.17 -5.65 -0.44
CA GLN B 159 9.67 -6.10 0.84
C GLN B 159 8.62 -6.76 1.72
N SER B 160 7.44 -7.07 1.17
CA SER B 160 6.54 -7.94 1.92
C SER B 160 7.17 -9.35 1.98
N LEU B 161 6.71 -10.21 2.90
CA LEU B 161 7.35 -11.51 3.02
C LEU B 161 7.29 -12.29 1.70
N PHE B 162 6.14 -12.26 1.02
CA PHE B 162 6.01 -13.01 -0.21
C PHE B 162 6.83 -12.36 -1.31
N THR B 163 6.72 -11.04 -1.47
CA THR B 163 7.44 -10.39 -2.59
C THR B 163 8.96 -10.45 -2.41
N VAL B 164 9.45 -10.33 -1.17
CA VAL B 164 10.89 -10.40 -0.93
C VAL B 164 11.41 -11.84 -1.10
N SER B 165 10.53 -12.82 -0.94
CA SER B 165 10.89 -14.22 -1.19
C SER B 165 10.92 -14.52 -2.69
N VAL B 166 10.07 -13.86 -3.48
CA VAL B 166 10.17 -13.91 -4.93
C VAL B 166 11.39 -13.11 -5.41
N GLY B 167 11.68 -12.00 -4.74
CA GLY B 167 12.92 -11.28 -4.98
C GLY B 167 14.14 -12.20 -4.85
N GLY B 168 15.23 -11.80 -5.48
CA GLY B 168 16.38 -12.70 -5.67
C GLY B 168 17.62 -12.33 -4.88
N GLN B 169 17.42 -11.74 -3.72
CA GLN B 169 18.51 -11.41 -2.80
C GLN B 169 18.25 -12.09 -1.45
N PRO B 170 18.85 -13.27 -1.23
CA PRO B 170 18.61 -14.01 0.02
C PRO B 170 18.87 -13.19 1.27
N LYS B 171 19.84 -12.27 1.23
CA LYS B 171 20.13 -11.42 2.38
C LYS B 171 18.90 -10.68 2.88
N TYR B 172 18.01 -10.31 1.96
CA TYR B 172 16.83 -9.53 2.29
C TYR B 172 15.61 -10.37 2.66
N SER B 173 15.64 -11.66 2.31
CA SER B 173 14.52 -12.53 2.68
C SER B 173 14.83 -13.44 3.88
N ASP B 174 16.10 -13.52 4.28
CA ASP B 174 16.50 -14.26 5.49
C ASP B 174 16.01 -13.58 6.75
N GLY B 175 15.66 -14.38 7.74
CA GLY B 175 15.53 -13.87 9.10
C GLY B 175 14.14 -13.41 9.50
N PHE B 176 13.12 -13.86 8.77
CA PHE B 176 11.72 -13.51 9.04
C PHE B 176 10.87 -14.73 9.31
N GLY B 177 11.52 -15.85 9.56
CA GLY B 177 10.81 -17.11 9.75
C GLY B 177 10.43 -17.75 8.42
N PRO B 178 9.54 -18.74 8.46
CA PRO B 178 9.36 -19.56 7.27
C PRO B 178 8.84 -18.77 6.07
N LYS B 179 9.59 -18.85 4.98
CA LYS B 179 9.22 -18.14 3.77
C LYS B 179 8.12 -18.90 3.03
N PRO B 180 7.26 -18.17 2.31
CA PRO B 180 6.34 -18.90 1.41
C PRO B 180 7.15 -19.73 0.43
N ALA B 181 6.79 -21.01 0.29
CA ALA B 181 7.60 -21.97 -0.43
C ALA B 181 7.31 -21.98 -1.94
N ASP B 182 8.00 -22.87 -2.65
CA ASP B 182 7.80 -23.13 -4.08
C ASP B 182 8.18 -21.95 -4.98
N ILE B 183 9.27 -21.29 -4.59
CA ILE B 183 9.88 -20.24 -5.39
C ILE B 183 11.29 -20.71 -5.74
N ILE B 184 11.62 -20.71 -7.02
CA ILE B 184 12.93 -21.16 -7.50
C ILE B 184 13.65 -20.00 -8.19
N HIS B 185 14.90 -19.76 -7.84
CA HIS B 185 15.71 -18.71 -8.46
C HIS B 185 16.78 -19.22 -9.36
N VAL B 186 16.88 -18.62 -10.54
CA VAL B 186 17.94 -18.92 -11.50
C VAL B 186 18.52 -17.59 -11.97
N PRO B 187 19.66 -17.60 -12.68
CA PRO B 187 20.26 -16.33 -13.09
C PRO B 187 19.43 -15.57 -14.12
N PHE B 188 19.32 -14.26 -13.95
CA PHE B 188 18.73 -13.41 -14.97
C PHE B 188 19.44 -13.63 -16.29
N ASN B 189 18.66 -13.63 -17.38
CA ASN B 189 19.18 -13.81 -18.74
C ASN B 189 19.70 -15.22 -19.06
N ASP B 190 19.47 -16.19 -18.17
CA ASP B 190 19.86 -17.57 -18.44
C ASP B 190 18.63 -18.40 -18.82
N LEU B 191 18.33 -18.45 -20.12
CA LEU B 191 17.16 -19.14 -20.60
C LEU B 191 17.25 -20.65 -20.38
N HIS B 192 18.45 -21.20 -20.55
CA HIS B 192 18.64 -22.63 -20.28
C HIS B 192 18.25 -23.01 -18.88
N ALA B 193 18.64 -22.20 -17.90
CA ALA B 193 18.32 -22.49 -16.51
C ALA B 193 16.81 -22.47 -16.27
N VAL B 194 16.10 -21.52 -16.91
CA VAL B 194 14.64 -21.49 -16.82
C VAL B 194 14.04 -22.79 -17.41
N LYS B 195 14.50 -23.17 -18.59
CA LYS B 195 14.02 -24.38 -19.25
C LYS B 195 14.22 -25.60 -18.33
N ALA B 196 15.36 -25.62 -17.66
CA ALA B 196 15.74 -26.72 -16.79
C ALA B 196 14.82 -26.89 -15.58
N VAL B 197 14.34 -25.78 -15.02
CA VAL B 197 13.52 -25.86 -13.80
C VAL B 197 12.02 -25.87 -14.04
N MET B 198 11.56 -25.45 -15.21
CA MET B 198 10.13 -25.36 -15.48
C MET B 198 9.53 -26.71 -15.78
N ASP B 199 8.27 -26.88 -15.38
CA ASP B 199 7.54 -28.12 -15.60
C ASP B 199 6.05 -27.87 -15.50
N ASP B 200 5.27 -28.94 -15.56
CA ASP B 200 3.82 -28.83 -15.50
C ASP B 200 3.30 -28.34 -14.14
N HIS B 201 4.18 -28.38 -13.14
CA HIS B 201 3.86 -27.89 -11.79
C HIS B 201 4.24 -26.44 -11.62
N THR B 202 4.61 -25.77 -12.70
CA THR B 202 4.99 -24.36 -12.64
C THR B 202 3.79 -23.45 -12.97
N CYS B 203 3.53 -22.50 -12.08
CA CYS B 203 2.42 -21.56 -12.28
C CYS B 203 2.83 -20.23 -12.90
N ALA B 204 4.09 -19.82 -12.73
CA ALA B 204 4.47 -18.48 -13.16
C ALA B 204 5.96 -18.35 -13.32
N VAL B 205 6.33 -17.46 -14.24
CA VAL B 205 7.68 -16.91 -14.30
C VAL B 205 7.51 -15.42 -14.03
N VAL B 206 8.26 -14.92 -13.05
CA VAL B 206 8.20 -13.51 -12.66
C VAL B 206 9.52 -12.88 -13.05
N VAL B 207 9.45 -11.79 -13.80
CA VAL B 207 10.67 -11.13 -14.27
C VAL B 207 10.49 -9.62 -14.40
N GLU B 208 11.55 -8.90 -14.06
CA GLU B 208 11.66 -7.47 -14.41
C GLU B 208 12.29 -7.41 -15.81
N PRO B 209 11.61 -6.79 -16.79
CA PRO B 209 12.23 -6.71 -18.11
C PRO B 209 13.63 -6.05 -18.08
N ILE B 210 13.81 -5.04 -17.23
CA ILE B 210 15.14 -4.58 -16.85
C ILE B 210 15.18 -4.64 -15.35
N GLN B 211 16.21 -5.31 -14.81
CA GLN B 211 16.42 -5.34 -13.36
C GLN B 211 17.06 -4.03 -12.93
N GLY B 212 16.28 -3.17 -12.30
CA GLY B 212 16.77 -1.82 -11.94
C GLY B 212 17.72 -1.89 -10.77
N GLU B 213 17.24 -2.43 -9.66
CA GLU B 213 18.05 -2.58 -8.47
C GLU B 213 19.25 -3.47 -8.77
N GLY B 214 19.02 -4.52 -9.56
CA GLY B 214 20.06 -5.50 -9.90
C GLY B 214 21.03 -5.06 -10.98
N GLY B 215 21.63 -3.90 -10.80
CA GLY B 215 22.70 -3.44 -11.67
C GLY B 215 22.25 -2.89 -13.00
N VAL B 216 20.96 -2.56 -13.14
CA VAL B 216 20.40 -2.03 -14.39
C VAL B 216 20.73 -2.98 -15.55
N GLN B 217 20.24 -4.21 -15.44
CA GLN B 217 20.51 -5.25 -16.45
C GLN B 217 19.25 -5.50 -17.26
N ALA B 218 19.33 -5.28 -18.57
CA ALA B 218 18.21 -5.51 -19.46
C ALA B 218 18.12 -6.96 -19.89
N ALA B 219 16.91 -7.49 -19.98
CA ALA B 219 16.73 -8.80 -20.61
C ALA B 219 17.23 -8.78 -22.04
N THR B 220 17.84 -9.86 -22.50
CA THR B 220 18.11 -9.94 -23.93
C THR B 220 16.82 -10.33 -24.65
N PRO B 221 16.72 -10.00 -25.94
CA PRO B 221 15.52 -10.36 -26.70
C PRO B 221 15.23 -11.86 -26.68
N GLU B 222 16.25 -12.69 -26.86
CA GLU B 222 16.05 -14.14 -26.88
C GLU B 222 15.59 -14.68 -25.52
N PHE B 223 16.10 -14.10 -24.44
CA PHE B 223 15.71 -14.53 -23.12
C PHE B 223 14.24 -14.19 -22.88
N LEU B 224 13.83 -12.96 -23.15
CA LEU B 224 12.45 -12.57 -22.85
C LEU B 224 11.45 -13.31 -23.72
N LYS B 225 11.74 -13.45 -25.02
CA LYS B 225 10.90 -14.23 -25.90
C LYS B 225 10.85 -15.70 -25.46
N GLY B 226 11.99 -16.21 -25.02
CA GLY B 226 12.08 -17.57 -24.51
C GLY B 226 11.18 -17.80 -23.30
N LEU B 227 11.11 -16.82 -22.40
CA LEU B 227 10.19 -16.93 -21.26
C LEU B 227 8.74 -17.04 -21.71
N ARG B 228 8.37 -16.25 -22.71
CA ARG B 228 7.04 -16.31 -23.25
C ARG B 228 6.75 -17.70 -23.81
N ASP B 229 7.71 -18.25 -24.54
CA ASP B 229 7.51 -19.54 -25.17
C ASP B 229 7.42 -20.65 -24.13
N LEU B 230 8.27 -20.59 -23.11
CA LEU B 230 8.23 -21.59 -22.05
C LEU B 230 6.94 -21.52 -21.23
N CYS B 231 6.47 -20.30 -20.95
CA CYS B 231 5.21 -20.15 -20.25
C CYS B 231 4.06 -20.74 -21.07
N ASP B 232 4.07 -20.48 -22.38
CA ASP B 232 3.08 -21.07 -23.27
C ASP B 232 3.12 -22.60 -23.19
N GLU B 233 4.32 -23.16 -23.28
CA GLU B 233 4.50 -24.62 -23.28
C GLU B 233 4.01 -25.28 -21.99
N HIS B 234 4.29 -24.65 -20.86
CA HIS B 234 3.95 -25.24 -19.55
C HIS B 234 2.68 -24.74 -18.96
N GLN B 235 1.93 -23.93 -19.71
CA GLN B 235 0.69 -23.32 -19.20
C GLN B 235 0.94 -22.56 -17.90
N ALA B 236 2.04 -21.82 -17.88
CA ALA B 236 2.35 -20.94 -16.77
C ALA B 236 2.11 -19.49 -17.19
N LEU B 237 1.90 -18.61 -16.23
CA LEU B 237 1.69 -17.20 -16.58
C LEU B 237 2.99 -16.43 -16.48
N LEU B 238 3.24 -15.62 -17.50
CA LEU B 238 4.38 -14.73 -17.52
C LEU B 238 4.01 -13.39 -16.87
N VAL B 239 4.70 -13.09 -15.78
CA VAL B 239 4.43 -11.89 -14.99
C VAL B 239 5.60 -10.92 -15.17
N PHE B 240 5.31 -9.73 -15.69
CA PHE B 240 6.33 -8.68 -15.83
C PHE B 240 6.14 -7.68 -14.71
N ASP B 241 7.18 -7.53 -13.90
CA ASP B 241 7.24 -6.48 -12.90
C ASP B 241 7.82 -5.25 -13.59
N GLU B 242 6.92 -4.32 -13.92
CA GLU B 242 7.29 -3.07 -14.54
C GLU B 242 7.13 -1.91 -13.58
N VAL B 243 7.22 -2.17 -12.29
CA VAL B 243 7.16 -1.11 -11.29
C VAL B 243 8.23 -0.05 -11.51
N GLN B 244 9.45 -0.47 -11.80
CA GLN B 244 10.51 0.49 -12.09
C GLN B 244 10.66 0.87 -13.55
N CYS B 245 10.50 -0.09 -14.45
CA CYS B 245 10.77 0.16 -15.86
C CYS B 245 9.54 0.59 -16.66
N GLY B 246 8.37 0.64 -16.02
CA GLY B 246 7.14 1.00 -16.72
C GLY B 246 6.80 2.47 -16.66
N MET B 247 5.64 2.78 -17.22
CA MET B 247 5.13 4.16 -17.28
C MET B 247 6.13 5.17 -17.84
N GLY B 248 6.67 4.82 -19.00
CA GLY B 248 7.47 5.74 -19.79
C GLY B 248 8.96 5.67 -19.56
N ARG B 249 9.39 4.98 -18.49
CA ARG B 249 10.79 5.03 -18.05
C ARG B 249 11.76 4.66 -19.17
N THR B 250 11.41 3.67 -19.98
CA THR B 250 12.30 3.20 -21.05
C THR B 250 12.13 3.95 -22.37
N GLY B 251 11.16 4.85 -22.44
CA GLY B 251 10.90 5.53 -23.71
C GLY B 251 9.79 4.91 -24.52
N ASP B 252 9.23 3.81 -24.01
CA ASP B 252 7.94 3.28 -24.44
C ASP B 252 7.06 3.32 -23.21
N LEU B 253 5.75 3.25 -23.38
CA LEU B 253 4.88 3.30 -22.22
C LEU B 253 5.24 2.19 -21.23
N PHE B 254 5.42 0.97 -21.74
CA PHE B 254 5.95 -0.13 -20.93
C PHE B 254 7.06 -0.80 -21.69
N ALA B 255 8.04 -1.33 -20.95
CA ALA B 255 9.19 -1.99 -21.57
C ALA B 255 8.78 -3.16 -22.45
N TYR B 256 7.69 -3.86 -22.09
CA TYR B 256 7.29 -4.99 -22.92
C TYR B 256 7.05 -4.57 -24.36
N MET B 257 6.64 -3.31 -24.56
CA MET B 257 6.38 -2.78 -25.91
C MET B 257 7.64 -2.66 -26.72
N HIS B 258 8.75 -2.33 -26.06
CA HIS B 258 10.04 -2.31 -26.74
C HIS B 258 10.40 -3.69 -27.24
N TYR B 259 10.16 -4.71 -26.42
CA TYR B 259 10.56 -6.07 -26.75
C TYR B 259 9.57 -6.77 -27.67
N GLY B 260 8.32 -6.31 -27.69
CA GLY B 260 7.30 -7.02 -28.45
C GLY B 260 6.91 -8.37 -27.83
N VAL B 261 7.11 -8.51 -26.53
CA VAL B 261 6.76 -9.73 -25.82
C VAL B 261 5.65 -9.38 -24.85
N THR B 262 4.48 -9.98 -25.03
CA THR B 262 3.32 -9.63 -24.21
C THR B 262 3.20 -10.57 -23.01
N PRO B 263 3.22 -10.00 -21.79
CA PRO B 263 3.07 -10.85 -20.61
C PRO B 263 1.58 -11.18 -20.37
N ASP B 264 1.33 -12.10 -19.45
CA ASP B 264 -0.02 -12.39 -18.98
C ASP B 264 -0.48 -11.41 -17.92
N ILE B 265 0.45 -10.98 -17.07
CA ILE B 265 0.17 -10.05 -15.99
C ILE B 265 1.32 -9.06 -15.95
N LEU B 266 0.99 -7.79 -15.71
CA LEU B 266 2.00 -6.75 -15.58
C LEU B 266 1.69 -5.87 -14.39
N THR B 267 2.73 -5.47 -13.66
CA THR B 267 2.54 -4.55 -12.55
C THR B 267 3.23 -3.22 -12.82
N SER B 268 2.64 -2.16 -12.27
CA SER B 268 3.09 -0.80 -12.48
C SER B 268 2.90 -0.02 -11.19
N ALA B 269 3.83 0.88 -10.90
CA ALA B 269 3.70 1.81 -9.77
C ALA B 269 4.70 2.92 -10.03
N LYS B 270 5.26 3.49 -8.96
CA LYS B 270 6.31 4.53 -9.07
C LYS B 270 5.89 5.67 -10.01
N ALA B 271 6.39 5.69 -11.25
CA ALA B 271 6.03 6.73 -12.20
C ALA B 271 4.52 6.89 -12.39
N LEU B 272 3.75 5.81 -12.23
CA LEU B 272 2.31 5.85 -12.43
C LEU B 272 1.64 7.03 -11.70
N GLY B 273 2.07 7.31 -10.47
CA GLY B 273 1.48 8.38 -9.67
C GLY B 273 2.33 9.61 -9.54
N GLY B 274 3.50 9.63 -10.20
CA GLY B 274 4.41 10.77 -10.17
C GLY B 274 4.83 11.24 -8.80
N GLY B 275 4.73 10.39 -7.79
CA GLY B 275 4.98 10.78 -6.41
C GLY B 275 3.84 10.47 -5.46
N PHE B 276 2.64 10.29 -6.01
CA PHE B 276 1.48 9.87 -5.20
C PHE B 276 1.49 8.34 -5.09
N PRO B 277 1.25 7.78 -3.89
CA PRO B 277 1.26 6.32 -3.77
C PRO B 277 0.08 5.67 -4.51
N VAL B 278 0.38 4.98 -5.59
CA VAL B 278 -0.64 4.28 -6.40
C VAL B 278 0.07 3.20 -7.20
N SER B 279 -0.65 2.13 -7.48
CA SER B 279 -0.09 1.07 -8.31
C SER B 279 -1.21 0.40 -9.07
N ALA B 280 -0.82 -0.40 -10.06
CA ALA B 280 -1.80 -1.13 -10.86
C ALA B 280 -1.29 -2.51 -11.24
N MET B 281 -2.22 -3.46 -11.30
CA MET B 281 -1.95 -4.78 -11.84
C MET B 281 -2.84 -4.95 -13.07
N LEU B 282 -2.20 -5.27 -14.19
CA LEU B 282 -2.87 -5.38 -15.49
C LEU B 282 -2.90 -6.82 -15.94
N THR B 283 -4.06 -7.27 -16.42
CA THR B 283 -4.16 -8.62 -16.98
C THR B 283 -5.33 -8.73 -17.96
N THR B 284 -5.60 -9.94 -18.41
CA THR B 284 -6.70 -10.20 -19.33
C THR B 284 -7.95 -10.58 -18.57
N GLN B 285 -9.08 -10.56 -19.27
CA GLN B 285 -10.34 -10.99 -18.67
C GLN B 285 -10.29 -12.47 -18.29
N GLU B 286 -9.70 -13.28 -19.15
CA GLU B 286 -9.67 -14.71 -18.88
C GLU B 286 -8.94 -15.01 -17.57
N ILE B 287 -7.83 -14.31 -17.32
CA ILE B 287 -7.05 -14.53 -16.10
C ILE B 287 -7.74 -13.89 -14.89
N ALA B 288 -8.20 -12.66 -15.06
CA ALA B 288 -8.89 -11.94 -13.98
C ALA B 288 -10.10 -12.71 -13.46
N SER B 289 -10.74 -13.47 -14.34
CA SER B 289 -11.96 -14.22 -13.98
C SER B 289 -11.70 -15.35 -12.99
N ALA B 290 -10.44 -15.71 -12.80
CA ALA B 290 -10.07 -16.69 -11.77
C ALA B 290 -10.31 -16.14 -10.37
N PHE B 291 -10.26 -14.82 -10.22
CA PHE B 291 -10.60 -14.19 -8.95
C PHE B 291 -12.12 -14.10 -8.84
N HIS B 292 -12.60 -14.21 -7.61
CA HIS B 292 -14.00 -14.01 -7.30
C HIS B 292 -14.07 -12.89 -6.30
N VAL B 293 -15.28 -12.51 -5.91
CA VAL B 293 -15.45 -11.46 -4.92
C VAL B 293 -14.79 -11.88 -3.61
N GLY B 294 -13.81 -11.10 -3.17
CA GLY B 294 -13.10 -11.39 -1.93
C GLY B 294 -11.75 -12.07 -2.11
N SER B 295 -11.43 -12.48 -3.34
CA SER B 295 -10.15 -13.14 -3.60
C SER B 295 -8.98 -12.22 -3.25
N HIS B 296 -9.17 -10.93 -3.51
CA HIS B 296 -8.19 -9.94 -3.11
C HIS B 296 -8.91 -8.68 -2.79
N GLY B 297 -8.19 -7.70 -2.27
CA GLY B 297 -8.81 -6.43 -1.92
C GLY B 297 -7.85 -5.46 -1.29
N SER B 298 -8.36 -4.26 -1.06
N SER B 298 -14.53 -3.24 -15.69
CA SER B 298 -7.56 -3.17 -0.52
CA SER B 298 -13.18 -3.46 -16.22
C SER B 298 -8.50 -2.09 -0.02
C SER B 298 -12.12 -3.17 -15.16
N THR B 299 -8.20 -1.50 1.12
N THR B 299 -12.50 -2.41 -14.13
CA THR B 299 -9.01 -0.40 1.62
CA THR B 299 -11.56 -2.01 -13.11
C THR B 299 -8.83 0.83 0.74
C THR B 299 -12.02 -2.43 -11.73
N TYR B 300 -7.59 1.28 0.58
N TYR B 300 -11.11 -2.38 -10.78
CA TYR B 300 -7.31 2.50 -0.16
CA TYR B 300 -11.47 -2.64 -9.40
C TYR B 300 -7.24 2.29 -1.67
C TYR B 300 -10.50 -1.88 -8.52
N GLY B 301 -6.84 1.10 -2.11
N GLY B 301 -11.05 -1.21 -7.51
CA GLY B 301 -6.51 0.89 -3.52
CA GLY B 301 -10.24 -0.48 -6.56
C GLY B 301 -7.66 1.24 -4.45
C GLY B 301 -9.76 0.86 -7.10
N GLY B 302 -7.38 2.05 -5.47
N GLY B 302 -8.82 1.44 -6.36
CA GLY B 302 -8.42 2.42 -6.46
CA GLY B 302 -8.28 2.75 -6.65
C GLY B 302 -8.97 3.79 -6.13
C GLY B 302 -9.07 3.82 -5.92
N ASN B 303 -8.25 4.43 -5.23
N ASN B 303 -8.44 4.46 -4.94
CA ASN B 303 -8.51 5.72 -4.65
CA ASN B 303 -9.03 5.66 -4.37
C ASN B 303 -8.88 6.85 -5.65
C ASN B 303 -8.98 6.77 -5.42
N PRO B 304 -10.04 7.57 -5.48
CA PRO B 304 -10.23 8.63 -6.49
C PRO B 304 -9.13 9.70 -6.55
N LEU B 305 -8.55 10.06 -5.42
CA LEU B 305 -7.50 11.06 -5.44
C LEU B 305 -6.26 10.53 -6.17
N ALA B 306 -5.82 9.33 -5.79
CA ALA B 306 -4.68 8.70 -6.44
C ALA B 306 -4.90 8.57 -7.94
N CYS B 307 -6.11 8.15 -8.30
CA CYS B 307 -6.36 7.84 -9.70
C CYS B 307 -6.50 9.12 -10.53
N ALA B 308 -6.95 10.21 -9.90
CA ALA B 308 -7.00 11.50 -10.59
C ALA B 308 -5.57 11.96 -10.90
N VAL B 309 -4.67 11.80 -9.94
CA VAL B 309 -3.29 12.20 -10.13
C VAL B 309 -2.61 11.30 -11.15
N ALA B 310 -2.84 9.99 -11.06
CA ALA B 310 -2.23 9.07 -12.02
C ALA B 310 -2.79 9.29 -13.43
N GLY B 311 -4.04 9.70 -13.54
CA GLY B 311 -4.63 10.02 -14.84
C GLY B 311 -3.93 11.19 -15.49
N ALA B 312 -3.65 12.23 -14.72
CA ALA B 312 -2.93 13.40 -15.22
C ALA B 312 -1.52 13.03 -15.64
N THR B 313 -0.89 12.16 -14.87
CA THR B 313 0.47 11.70 -15.15
C THR B 313 0.49 10.90 -16.45
N PHE B 314 -0.45 9.97 -16.55
CA PHE B 314 -0.60 9.15 -17.74
C PHE B 314 -0.79 10.02 -19.00
N ASP B 315 -1.65 11.05 -18.91
CA ASP B 315 -1.96 11.89 -20.07
C ASP B 315 -0.73 12.62 -20.59
N ILE B 316 0.22 12.91 -19.71
CA ILE B 316 1.45 13.57 -20.11
C ILE B 316 2.46 12.56 -20.64
N ILE B 317 2.68 11.47 -19.90
CA ILE B 317 3.71 10.52 -20.29
C ILE B 317 3.38 9.80 -21.61
N ASN B 318 2.12 9.42 -21.76
CA ASN B 318 1.69 8.71 -22.96
C ASN B 318 1.42 9.66 -24.14
N THR B 319 2.43 10.42 -24.52
CA THR B 319 2.34 11.26 -25.71
C THR B 319 3.58 11.00 -26.55
N PRO B 320 3.43 11.08 -27.88
CA PRO B 320 4.59 10.82 -28.72
C PRO B 320 5.78 11.70 -28.38
N GLU B 321 5.51 12.97 -28.12
CA GLU B 321 6.54 13.97 -27.84
C GLU B 321 7.32 13.70 -26.54
N VAL B 322 6.63 13.35 -25.46
CA VAL B 322 7.33 13.05 -24.21
C VAL B 322 8.16 11.76 -24.39
N LEU B 323 7.57 10.76 -25.03
CA LEU B 323 8.29 9.50 -25.23
C LEU B 323 9.52 9.69 -26.11
N GLN B 324 9.40 10.48 -27.18
CA GLN B 324 10.56 10.85 -27.99
C GLN B 324 11.62 11.57 -27.16
N GLY B 325 11.20 12.54 -26.35
CA GLY B 325 12.12 13.32 -25.52
C GLY B 325 12.94 12.49 -24.56
N ILE B 326 12.37 11.39 -24.07
CA ILE B 326 13.09 10.48 -23.17
C ILE B 326 14.33 9.93 -23.83
N HIS B 327 14.23 9.60 -25.12
CA HIS B 327 15.39 9.14 -25.89
C HIS B 327 16.41 10.23 -26.14
N THR B 328 15.93 11.42 -26.46
CA THR B 328 16.85 12.55 -26.64
C THR B 328 17.63 12.80 -25.37
N LYS B 329 16.89 12.86 -24.25
CA LYS B 329 17.47 13.15 -22.95
C LYS B 329 18.44 12.05 -22.52
N ARG B 330 18.09 10.78 -22.78
CA ARG B 330 19.01 9.70 -22.48
C ARG B 330 20.36 9.96 -23.12
N GLN B 331 20.35 10.30 -24.40
CA GLN B 331 21.63 10.53 -25.06
C GLN B 331 22.39 11.72 -24.51
N GLN B 332 21.69 12.75 -24.06
CA GLN B 332 22.35 13.86 -23.39
C GLN B 332 23.10 13.39 -22.13
N PHE B 333 22.42 12.57 -21.32
CA PHE B 333 23.07 11.98 -20.15
C PHE B 333 24.25 11.10 -20.54
N VAL B 334 24.04 10.22 -21.51
CA VAL B 334 25.05 9.25 -21.91
C VAL B 334 26.31 9.94 -22.42
N GLN B 335 26.14 11.01 -23.19
CA GLN B 335 27.29 11.75 -23.71
C GLN B 335 28.10 12.36 -22.56
N HIS B 336 27.42 12.87 -21.54
CA HIS B 336 28.11 13.33 -20.35
C HIS B 336 28.84 12.24 -19.62
N LEU B 337 28.19 11.09 -19.45
CA LEU B 337 28.85 9.96 -18.81
C LEU B 337 30.08 9.51 -19.58
N GLN B 338 29.98 9.50 -20.90
CA GLN B 338 31.13 9.16 -21.76
C GLN B 338 32.26 10.16 -21.60
N ALA B 339 31.92 11.44 -21.52
CA ALA B 339 32.92 12.49 -21.29
C ALA B 339 33.59 12.35 -19.93
N ILE B 340 32.81 12.03 -18.90
CA ILE B 340 33.36 11.75 -17.58
C ILE B 340 34.32 10.56 -17.65
N ASP B 341 33.93 9.50 -18.33
CA ASP B 341 34.81 8.36 -18.46
C ASP B 341 36.09 8.68 -19.23
N GLU B 342 35.97 9.52 -20.26
CA GLU B 342 37.15 9.94 -21.02
C GLU B 342 38.15 10.68 -20.13
N GLN B 343 37.64 11.54 -19.24
CA GLN B 343 38.50 12.31 -18.35
C GLN B 343 39.05 11.49 -17.18
N PHE B 344 38.20 10.65 -16.59
CA PHE B 344 38.53 10.02 -15.32
C PHE B 344 38.71 8.49 -15.33
N ASP B 345 38.28 7.85 -16.42
CA ASP B 345 38.47 6.40 -16.60
C ASP B 345 37.84 5.62 -15.44
N ILE B 346 36.52 5.77 -15.27
CA ILE B 346 35.83 5.13 -14.16
C ILE B 346 34.74 4.12 -14.54
N PHE B 347 34.27 4.12 -15.78
CA PHE B 347 33.15 3.28 -16.18
C PHE B 347 33.53 2.18 -17.16
N SER B 348 33.04 0.97 -16.91
CA SER B 348 33.23 -0.12 -17.85
C SER B 348 32.05 -0.29 -18.81
N ASP B 349 30.88 0.23 -18.45
CA ASP B 349 29.67 -0.02 -19.21
C ASP B 349 28.64 1.04 -18.86
N ILE B 350 27.90 1.50 -19.87
CA ILE B 350 26.75 2.40 -19.69
C ILE B 350 25.59 1.66 -20.33
N ARG B 351 24.53 1.45 -19.56
CA ARG B 351 23.43 0.62 -20.01
C ARG B 351 22.08 1.08 -19.47
N GLY B 352 21.07 0.24 -19.64
CA GLY B 352 19.70 0.64 -19.32
C GLY B 352 18.94 1.00 -20.56
N MET B 353 17.76 1.58 -20.39
CA MET B 353 16.91 1.99 -21.50
C MET B 353 16.23 3.28 -21.11
N GLY B 354 16.03 4.16 -22.07
CA GLY B 354 15.37 5.43 -21.81
C GLY B 354 16.05 6.16 -20.68
N LEU B 355 15.25 6.61 -19.72
CA LEU B 355 15.81 7.34 -18.61
C LEU B 355 15.96 6.51 -17.34
N LEU B 356 16.17 5.20 -17.53
CA LEU B 356 16.79 4.36 -16.53
C LEU B 356 18.20 4.08 -17.06
N ILE B 357 19.19 4.70 -16.41
CA ILE B 357 20.57 4.63 -16.86
C ILE B 357 21.45 3.99 -15.79
N GLY B 358 22.26 3.02 -16.19
CA GLY B 358 23.25 2.45 -15.28
C GLY B 358 24.64 2.69 -15.81
N ALA B 359 25.56 2.99 -14.93
CA ALA B 359 26.96 3.13 -15.32
C ALA B 359 27.78 2.30 -14.37
N GLU B 360 28.32 1.20 -14.90
CA GLU B 360 29.07 0.26 -14.09
C GLU B 360 30.48 0.77 -13.88
N LEU B 361 30.95 0.72 -12.65
CA LEU B 361 32.31 1.14 -12.31
C LEU B 361 33.35 0.11 -12.73
N LYS B 362 34.50 0.61 -13.19
CA LYS B 362 35.64 -0.25 -13.53
CA LYS B 362 35.62 -0.27 -13.54
C LYS B 362 36.12 -1.00 -12.28
N PRO B 363 36.80 -2.16 -12.46
CA PRO B 363 37.32 -2.88 -11.28
C PRO B 363 38.12 -2.03 -10.29
N LYS B 364 38.89 -1.06 -10.77
CA LYS B 364 39.63 -0.13 -9.91
C LYS B 364 38.70 0.58 -8.90
N TYR B 365 37.42 0.68 -9.24
CA TYR B 365 36.45 1.37 -8.37
C TYR B 365 35.33 0.45 -7.88
N LYS B 366 35.62 -0.85 -7.85
CA LYS B 366 34.66 -1.83 -7.36
C LYS B 366 34.21 -1.44 -5.95
N GLY B 367 32.91 -1.52 -5.70
CA GLY B 367 32.38 -1.25 -4.37
C GLY B 367 32.32 0.22 -3.97
N ARG B 368 32.56 1.13 -4.92
CA ARG B 368 32.64 2.57 -4.61
C ARG B 368 31.40 3.35 -4.98
N ALA B 369 30.34 2.68 -5.43
CA ALA B 369 29.15 3.41 -5.89
C ALA B 369 28.59 4.33 -4.82
N ARG B 370 28.55 3.86 -3.56
CA ARG B 370 28.02 4.69 -2.47
C ARG B 370 28.86 5.95 -2.30
N ASP B 371 30.18 5.82 -2.48
CA ASP B 371 31.07 6.98 -2.32
C ASP B 371 30.84 8.02 -3.41
N PHE B 372 30.62 7.54 -4.64
CA PHE B 372 30.30 8.47 -5.72
C PHE B 372 28.94 9.14 -5.49
N LEU B 373 28.00 8.39 -4.92
CA LEU B 373 26.67 8.95 -4.60
C LEU B 373 26.79 10.08 -3.56
N TYR B 374 27.51 9.82 -2.47
CA TYR B 374 27.67 10.84 -1.43
C TYR B 374 28.47 12.03 -1.95
N ALA B 375 29.48 11.77 -2.78
CA ALA B 375 30.23 12.85 -3.40
C ALA B 375 29.31 13.69 -4.28
N GLY B 376 28.42 13.02 -5.00
CA GLY B 376 27.43 13.72 -5.84
C GLY B 376 26.60 14.67 -5.00
N ALA B 377 26.08 14.17 -3.88
CA ALA B 377 25.28 15.01 -2.99
C ALA B 377 26.06 16.24 -2.51
N GLU B 378 27.32 16.04 -2.12
CA GLU B 378 28.17 17.17 -1.72
C GLU B 378 28.25 18.21 -2.84
N ALA B 379 28.32 17.73 -4.07
CA ALA B 379 28.40 18.59 -5.24
C ALA B 379 27.05 19.12 -5.72
N GLY B 380 25.97 18.79 -5.03
CA GLY B 380 24.64 19.28 -5.40
C GLY B 380 23.92 18.51 -6.49
N VAL B 381 24.15 17.20 -6.57
CA VAL B 381 23.43 16.36 -7.53
C VAL B 381 23.06 15.05 -6.84
N MET B 382 21.79 14.69 -7.00
CA MET B 382 21.23 13.48 -6.42
C MET B 382 21.21 12.35 -7.44
N VAL B 383 21.94 11.27 -7.14
CA VAL B 383 21.99 10.11 -8.02
C VAL B 383 21.63 8.86 -7.23
N LEU B 384 21.72 7.70 -7.88
CA LEU B 384 21.36 6.43 -7.26
C LEU B 384 22.51 5.44 -7.41
N ASN B 385 22.37 4.31 -6.73
CA ASN B 385 23.18 3.14 -6.98
C ASN B 385 22.30 2.01 -7.48
N ALA B 386 22.92 0.95 -7.97
CA ALA B 386 22.19 -0.26 -8.34
C ALA B 386 23.11 -1.42 -7.98
N GLY B 387 23.31 -1.59 -6.69
CA GLY B 387 24.42 -2.41 -6.19
C GLY B 387 25.66 -1.56 -5.99
N ALA B 388 26.63 -2.13 -5.29
CA ALA B 388 27.83 -1.43 -4.87
C ALA B 388 28.77 -1.05 -6.03
N ASP B 389 28.52 -1.58 -7.22
CA ASP B 389 29.41 -1.34 -8.36
C ASP B 389 28.80 -0.51 -9.47
N VAL B 390 27.56 -0.05 -9.29
CA VAL B 390 26.81 0.56 -10.39
C VAL B 390 26.14 1.88 -9.97
N MET B 391 26.42 2.94 -10.73
CA MET B 391 25.71 4.21 -10.58
C MET B 391 24.41 4.09 -11.37
N ARG B 392 23.34 4.69 -10.84
CA ARG B 392 22.05 4.66 -11.51
C ARG B 392 21.46 6.06 -11.56
N PHE B 393 20.76 6.35 -12.65
CA PHE B 393 20.13 7.64 -12.87
C PHE B 393 18.69 7.36 -13.29
N ALA B 394 17.74 8.05 -12.66
CA ALA B 394 16.34 7.90 -12.99
C ALA B 394 15.63 9.25 -12.84
N PRO B 395 16.04 10.23 -13.67
CA PRO B 395 15.50 11.58 -13.56
C PRO B 395 14.07 11.65 -14.08
N SER B 396 13.44 12.77 -13.78
CA SER B 396 12.19 13.14 -14.42
C SER B 396 12.28 12.90 -15.91
N LEU B 397 11.21 12.35 -16.48
CA LEU B 397 11.12 12.10 -17.91
C LEU B 397 11.04 13.39 -18.72
N VAL B 398 10.78 14.50 -18.04
CA VAL B 398 10.74 15.81 -18.69
C VAL B 398 11.84 16.72 -18.17
N VAL B 399 12.91 16.14 -17.61
CA VAL B 399 14.01 16.93 -17.09
C VAL B 399 14.52 17.87 -18.18
N GLU B 400 14.68 19.13 -17.82
CA GLU B 400 15.12 20.14 -18.78
C GLU B 400 16.58 19.92 -19.19
N GLU B 401 16.87 20.17 -20.46
CA GLU B 401 18.24 20.06 -20.95
C GLU B 401 19.24 20.84 -20.07
N ALA B 402 18.87 22.04 -19.64
CA ALA B 402 19.74 22.83 -18.78
C ALA B 402 20.06 22.11 -17.47
N ASP B 403 19.07 21.40 -16.93
CA ASP B 403 19.27 20.63 -15.71
C ASP B 403 20.16 19.42 -15.93
N ILE B 404 20.01 18.77 -17.09
CA ILE B 404 20.89 17.66 -17.44
C ILE B 404 22.34 18.15 -17.46
N HIS B 405 22.58 19.26 -18.16
CA HIS B 405 23.96 19.74 -18.28
C HIS B 405 24.52 20.20 -16.94
N GLU B 406 23.75 20.95 -16.17
CA GLU B 406 24.22 21.45 -14.88
C GLU B 406 24.49 20.30 -13.90
N GLY B 407 23.53 19.38 -13.80
CA GLY B 407 23.65 18.25 -12.89
C GLY B 407 24.81 17.35 -13.29
N MET B 408 25.01 17.15 -14.58
CA MET B 408 26.12 16.28 -15.00
C MET B 408 27.48 16.96 -14.81
N GLN B 409 27.53 18.28 -14.89
CA GLN B 409 28.75 19.01 -14.58
C GLN B 409 29.05 18.87 -13.08
N ARG B 410 28.01 18.95 -12.24
CA ARG B 410 28.17 18.71 -10.80
C ARG B 410 28.65 17.29 -10.54
N PHE B 411 28.08 16.32 -11.27
CA PHE B 411 28.50 14.95 -11.08
C PHE B 411 29.97 14.75 -11.50
N ALA B 412 30.38 15.39 -12.59
CA ALA B 412 31.78 15.35 -13.03
C ALA B 412 32.71 15.90 -11.95
N GLN B 413 32.28 16.98 -11.30
CA GLN B 413 33.05 17.56 -10.20
CA GLN B 413 33.02 17.57 -10.18
C GLN B 413 33.16 16.57 -9.04
N ALA B 414 32.05 15.91 -8.70
CA ALA B 414 32.05 14.89 -7.66
C ALA B 414 33.00 13.74 -8.00
N VAL B 415 32.97 13.27 -9.25
CA VAL B 415 33.89 12.22 -9.69
C VAL B 415 35.34 12.67 -9.50
N GLY B 416 35.65 13.90 -9.89
CA GLY B 416 36.98 14.47 -9.71
C GLY B 416 37.46 14.47 -8.26
N LYS B 417 36.53 14.68 -7.32
CA LYS B 417 36.85 14.63 -5.88
C LYS B 417 37.15 13.22 -5.40
N VAL B 418 36.46 12.23 -5.96
CA VAL B 418 36.63 10.84 -5.56
C VAL B 418 37.93 10.25 -6.10
N VAL B 419 38.26 10.60 -7.34
CA VAL B 419 39.43 10.03 -8.02
C VAL B 419 40.67 10.91 -7.80
N1 PLP C . -6.01 -4.75 9.69
C2 PLP C . -7.28 -4.50 10.01
C2A PLP C . -7.73 -4.73 11.41
C3 PLP C . -8.23 -3.98 8.98
O3 PLP C . -9.54 -3.72 9.28
C4 PLP C . -7.68 -3.77 7.62
C4A PLP C . -8.53 -3.29 6.50
C5 PLP C . -6.25 -4.10 7.41
C6 PLP C . -5.50 -4.57 8.47
C5A PLP C . -5.58 -3.94 6.07
O4P PLP C . -5.52 -2.57 5.73
P PLP C . -5.43 -2.09 4.18
O1P PLP C . -6.69 -2.56 3.52
O2P PLP C . -5.27 -0.60 4.34
O3P PLP C . -4.21 -2.71 3.57
C1 EDO D . -10.43 14.05 3.83
O1 EDO D . -11.39 14.89 4.50
C2 EDO D . -11.11 12.96 3.01
O2 EDO D . -11.78 13.56 1.88
C1 EDO E . 14.31 12.67 -2.43
O1 EDO E . 13.84 11.31 -2.47
C2 EDO E . 13.36 13.63 -3.15
O2 EDO E . 13.41 13.41 -4.58
C ACT F . 16.83 9.55 -3.54
O ACT F . 17.33 10.51 -4.16
OXT ACT F . 15.63 9.55 -3.21
CH3 ACT F . 17.70 8.40 -3.13
C1 EDO G . -30.23 -5.19 21.96
O1 EDO G . -29.12 -4.54 22.59
C2 EDO G . -31.05 -4.16 21.18
O2 EDO G . -31.32 -3.01 22.01
C ACT H . -3.06 -22.48 10.89
O ACT H . -3.18 -22.00 9.74
OXT ACT H . -3.65 -21.98 11.88
CH3 ACT H . -2.19 -23.69 11.10
N1 PLP I . 9.27 -4.06 -8.08
C2 PLP I . 10.32 -3.39 -8.58
C2A PLP I . 10.93 -3.83 -9.87
C3 PLP I . 10.85 -2.20 -7.87
O3 PLP I . 11.92 -1.51 -8.37
C4 PLP I . 10.17 -1.83 -6.60
C4A PLP I . 10.61 -0.69 -5.77
C5 PLP I . 9.04 -2.67 -6.15
C6 PLP I . 8.66 -3.75 -6.94
C5A PLP I . 8.32 -2.38 -4.86
O4P PLP I . 7.45 -1.25 -5.00
P PLP I . 7.10 -0.32 -3.74
O1P PLP I . 8.45 0.00 -3.15
O2P PLP I . 6.37 0.85 -4.35
O3P PLP I . 6.24 -1.12 -2.81
C1 EDO J . 5.41 15.22 -7.53
O1 EDO J . 5.56 16.37 -6.68
C2 EDO J . 4.37 15.53 -8.60
O2 EDO J . 4.89 16.44 -9.59
C ACT K . -18.31 1.81 1.80
O ACT K . -17.23 2.27 1.36
OXT ACT K . -19.24 2.54 2.17
CH3 ACT K . -18.49 0.32 1.84
C1 EDO L . -17.46 5.39 -0.40
O1 EDO L . -16.46 4.45 0.01
C2 EDO L . -17.09 6.80 0.03
O2 EDO L . -17.21 6.95 1.45
C ACT M . 14.79 -20.40 -3.33
O ACT M . 14.59 -19.59 -2.41
OXT ACT M . 15.15 -20.04 -4.49
CH3 ACT M . 14.61 -21.87 -3.05
#